data_9KPQ
#
_entry.id   9KPQ
#
_cell.length_a   145.654
_cell.length_b   71.787
_cell.length_c   118.447
_cell.angle_alpha   90.00
_cell.angle_beta   97.05
_cell.angle_gamma   90.00
#
_symmetry.space_group_name_H-M   'C 1 2 1'
#
loop_
_entity.id
_entity.type
_entity.pdbx_description
1 polymer '1-deoxy-D-xylulose-5-phosphate synthase'
2 non-polymer 'MAGNESIUM ION'
3 non-polymer 'THIAMINE DIPHOSPHATE'
4 water water
#
_entity_poly.entity_id   1
_entity_poly.type   'polypeptide(L)'
_entity_poly.pdbx_seq_one_letter_code
;GSHMYLENIYSPADVKKLSVKELNELSDEIRVSLLQKLSEHGGHFGPNFGMVEATIALHYVFNSPKDKIVFDVSHQSYVH
KMLTGRKNAFLHPEEYDLVSGYTEPQESEHDFFVIGHTSTSVSLATGLAKGRDLTGGNENIIAVIGDGSLSGGEAFEGLD
YAAELGTNMIIIVNDNQMSIAENHGGLYRNLKELRDSNGQCECNFFKAMGLDYIYVNDGNDVQALIEAFSKVKDIQHPIV
VHINTLKGKGYERAEQDKETYHWRTPFNPETGEAKVSYEEEDYSEVTAQYLLKKMKEDSRVVTITSGTPAVLGFTPDRRK
EAGKQFVDVGIAEEHAVALASGIAANGGKPVYGVYSTFIQRSYDQLSQDLCINNNPAVLLVFWGTLSGMNDVTHLCFFDI
PLISNIPNMVYLAPTCKEEYLAMLEWSIRQNEHPVAIRVPATDVITCGEPVETDYSVLNRYKVTHRGAKVAILALGSFYG
LGQSVASLLKEKANIDATLINPRYITGVDNELMDELKADHELVITLEDGVLDGGFGEKIARYYGATNMKVLNFGAKKEFV
DRYDIQEFLRANHLTDEQIVEDITAVIG
;
_entity_poly.pdbx_strand_id   A,B
#
loop_
_chem_comp.id
_chem_comp.type
_chem_comp.name
_chem_comp.formula
MG non-polymer 'MAGNESIUM ION' 'Mg 2'
TPP non-polymer 'THIAMINE DIPHOSPHATE' 'C12 H19 N4 O7 P2 S 1'
#
# COMPACT_ATOMS: atom_id res chain seq x y z
N TYR A 5 -32.39 0.46 -32.68
CA TYR A 5 -32.26 1.71 -31.94
C TYR A 5 -30.80 1.98 -31.56
N LEU A 6 -30.04 0.93 -31.30
CA LEU A 6 -28.64 1.02 -30.87
C LEU A 6 -27.70 1.62 -31.93
N GLU A 7 -28.04 1.44 -33.20
CA GLU A 7 -27.19 1.91 -34.30
C GLU A 7 -27.24 3.43 -34.39
N ASN A 8 -28.18 4.04 -33.68
CA ASN A 8 -28.31 5.50 -33.70
C ASN A 8 -28.02 6.15 -32.34
N ILE A 9 -27.30 5.44 -31.49
CA ILE A 9 -26.87 5.97 -30.21
C ILE A 9 -25.44 6.50 -30.35
N TYR A 10 -25.26 7.81 -30.36
CA TYR A 10 -23.93 8.39 -30.45
C TYR A 10 -23.51 9.11 -29.15
N SER A 11 -24.48 9.36 -28.28
CA SER A 11 -24.22 10.03 -27.00
C SER A 11 -25.45 9.79 -26.14
N PRO A 12 -25.38 10.18 -24.85
CA PRO A 12 -26.55 10.07 -23.96
C PRO A 12 -27.78 10.86 -24.40
N ALA A 13 -27.57 11.90 -25.20
CA ALA A 13 -28.69 12.65 -25.75
C ALA A 13 -29.65 11.77 -26.56
N ASP A 14 -29.10 10.84 -27.36
CA ASP A 14 -29.93 9.96 -28.18
C ASP A 14 -30.70 8.96 -27.32
N VAL A 15 -30.17 8.64 -26.14
CA VAL A 15 -30.84 7.73 -25.21
C VAL A 15 -32.11 8.40 -24.68
N LYS A 16 -32.02 9.71 -24.46
CA LYS A 16 -33.13 10.50 -23.94
C LYS A 16 -34.28 10.70 -24.94
N LYS A 17 -34.03 10.38 -26.21
CA LYS A 17 -35.04 10.51 -27.27
C LYS A 17 -36.03 9.35 -27.25
N LEU A 18 -35.67 8.25 -26.59
CA LEU A 18 -36.46 7.03 -26.68
C LEU A 18 -37.61 6.97 -25.68
N SER A 19 -38.63 6.18 -26.03
CA SER A 19 -39.71 5.91 -25.10
C SER A 19 -39.26 4.77 -24.23
N VAL A 20 -40.00 4.50 -23.17
CA VAL A 20 -39.55 3.48 -22.24
C VAL A 20 -39.67 2.11 -22.93
N LYS A 21 -40.73 1.93 -23.69
CA LYS A 21 -40.90 0.72 -24.47
C LYS A 21 -39.69 0.55 -25.39
N GLU A 22 -39.11 1.66 -25.84
CA GLU A 22 -37.94 1.60 -26.73
C GLU A 22 -36.65 1.31 -25.96
N LEU A 23 -36.61 1.76 -24.71
CA LEU A 23 -35.49 1.49 -23.84
C LEU A 23 -35.38 -0.01 -23.57
N ASN A 24 -36.53 -0.68 -23.44
CA ASN A 24 -36.55 -2.12 -23.17
C ASN A 24 -36.07 -2.90 -24.39
N GLU A 25 -36.45 -2.45 -25.58
CA GLU A 25 -35.99 -3.09 -26.80
C GLU A 25 -34.49 -2.90 -26.97
N LEU A 26 -34.01 -1.70 -26.64
CA LEU A 26 -32.57 -1.39 -26.67
C LEU A 26 -31.77 -2.31 -25.74
N SER A 27 -32.31 -2.55 -24.53
CA SER A 27 -31.75 -3.54 -23.62
C SER A 27 -31.58 -4.88 -24.27
N ASP A 28 -32.56 -5.28 -25.10
CA ASP A 28 -32.46 -6.56 -25.80
C ASP A 28 -31.37 -6.46 -26.84
N GLU A 29 -31.32 -5.33 -27.54
CA GLU A 29 -30.35 -5.16 -28.64
C GLU A 29 -28.93 -5.22 -28.12
N ILE A 30 -28.71 -4.53 -27.00
CA ILE A 30 -27.42 -4.53 -26.32
C ILE A 30 -27.01 -5.97 -25.98
N ARG A 31 -27.91 -6.73 -25.36
CA ARG A 31 -27.58 -8.13 -25.01
C ARG A 31 -27.26 -9.00 -26.23
N VAL A 32 -27.99 -8.83 -27.33
CA VAL A 32 -27.69 -9.58 -28.57
C VAL A 32 -26.28 -9.26 -29.03
N SER A 33 -25.96 -7.97 -29.10
CA SER A 33 -24.65 -7.52 -29.56
C SER A 33 -23.54 -7.97 -28.61
N LEU A 34 -23.78 -7.87 -27.31
CA LEU A 34 -22.81 -8.37 -26.31
C LEU A 34 -22.58 -9.87 -26.48
N LEU A 35 -23.65 -10.63 -26.69
CA LEU A 35 -23.52 -12.07 -26.85
C LEU A 35 -22.58 -12.40 -27.99
N GLN A 36 -22.70 -11.67 -29.10
CA GLN A 36 -21.83 -11.90 -30.24
C GLN A 36 -20.37 -11.55 -29.92
N LYS A 37 -20.12 -10.31 -29.50
CA LYS A 37 -18.74 -9.87 -29.26
C LYS A 37 -18.09 -10.69 -28.14
N LEU A 38 -18.85 -11.01 -27.10
CA LEU A 38 -18.21 -11.69 -25.98
C LEU A 38 -17.93 -13.15 -26.31
N SER A 39 -18.77 -13.77 -27.13
CA SER A 39 -18.55 -15.16 -27.52
C SER A 39 -17.40 -15.26 -28.53
N GLU A 40 -17.24 -14.21 -29.34
CA GLU A 40 -16.20 -14.21 -30.36
C GLU A 40 -14.83 -13.77 -29.82
N HIS A 41 -14.84 -12.83 -28.87
CA HIS A 41 -13.66 -12.06 -28.49
C HIS A 41 -13.28 -12.22 -27.01
N GLY A 42 -14.14 -12.90 -26.25
CA GLY A 42 -13.93 -13.04 -24.81
C GLY A 42 -14.28 -11.78 -24.05
N GLY A 43 -14.13 -11.82 -22.71
CA GLY A 43 -14.34 -10.66 -21.86
C GLY A 43 -15.21 -10.88 -20.64
N HIS A 44 -15.56 -9.79 -19.96
CA HIS A 44 -16.34 -9.90 -18.75
C HIS A 44 -17.84 -10.08 -19.07
N PHE A 45 -18.28 -11.33 -19.15
CA PHE A 45 -19.67 -11.63 -19.56
C PHE A 45 -20.77 -11.31 -18.56
N GLY A 46 -20.64 -11.88 -17.37
CA GLY A 46 -21.58 -11.67 -16.30
C GLY A 46 -21.75 -10.24 -15.83
N PRO A 47 -20.62 -9.54 -15.58
CA PRO A 47 -20.78 -8.16 -15.09
C PRO A 47 -21.50 -7.22 -16.06
N ASN A 48 -21.35 -7.44 -17.36
CA ASN A 48 -21.90 -6.50 -18.34
C ASN A 48 -23.36 -6.78 -18.66
N PHE A 49 -23.71 -8.06 -18.78
CA PHE A 49 -25.10 -8.43 -18.98
C PHE A 49 -25.95 -7.98 -17.80
N GLY A 50 -25.36 -7.95 -16.60
CA GLY A 50 -26.07 -7.59 -15.39
C GLY A 50 -26.28 -6.09 -15.22
N MET A 51 -25.50 -5.33 -15.97
CA MET A 51 -25.40 -3.88 -15.81
C MET A 51 -26.15 -3.13 -16.90
N VAL A 52 -26.83 -3.89 -17.78
CA VAL A 52 -27.45 -3.33 -18.98
C VAL A 52 -28.46 -2.23 -18.65
N GLU A 53 -29.47 -2.56 -17.86
CA GLU A 53 -30.56 -1.65 -17.57
C GLU A 53 -30.11 -0.45 -16.72
N ALA A 54 -29.19 -0.69 -15.78
CA ALA A 54 -28.68 0.43 -14.97
C ALA A 54 -27.86 1.42 -15.78
N THR A 55 -27.13 0.95 -16.79
CA THR A 55 -26.36 1.88 -17.62
C THR A 55 -27.28 2.71 -18.52
N ILE A 56 -28.32 2.08 -19.08
CA ILE A 56 -29.30 2.82 -19.88
C ILE A 56 -29.92 3.92 -19.02
N ALA A 57 -30.36 3.55 -17.83
CA ALA A 57 -31.01 4.50 -16.92
C ALA A 57 -30.06 5.62 -16.50
N LEU A 58 -28.80 5.26 -16.28
CA LEU A 58 -27.78 6.25 -15.89
C LEU A 58 -27.63 7.32 -16.94
N HIS A 59 -27.57 6.89 -18.21
CA HIS A 59 -27.33 7.84 -19.28
C HIS A 59 -28.63 8.44 -19.79
N TYR A 60 -29.75 7.86 -19.36
CA TYR A 60 -31.06 8.49 -19.58
C TYR A 60 -31.27 9.74 -18.73
N VAL A 61 -30.98 9.61 -17.43
CA VAL A 61 -31.25 10.65 -16.42
C VAL A 61 -30.17 11.70 -16.36
N PHE A 62 -28.91 11.27 -16.46
CA PHE A 62 -27.80 12.20 -16.24
C PHE A 62 -27.25 12.71 -17.55
N ASN A 63 -26.50 13.82 -17.48
CA ASN A 63 -25.98 14.47 -18.68
C ASN A 63 -24.47 14.43 -18.88
N SER A 64 -23.94 13.22 -19.05
CA SER A 64 -22.50 13.04 -19.33
C SER A 64 -22.13 13.79 -20.60
N PRO A 65 -20.96 14.43 -20.66
CA PRO A 65 -19.85 14.50 -19.70
C PRO A 65 -19.83 15.68 -18.72
N LYS A 66 -20.85 16.52 -18.65
CA LYS A 66 -20.90 17.51 -17.55
C LYS A 66 -21.03 16.71 -16.23
N ASP A 67 -22.13 15.98 -16.08
CA ASP A 67 -22.21 14.93 -15.08
C ASP A 67 -21.11 13.88 -15.36
N LYS A 68 -20.54 13.29 -14.32
CA LYS A 68 -19.44 12.34 -14.50
C LYS A 68 -19.67 11.02 -13.76
N ILE A 69 -19.46 9.90 -14.46
CA ILE A 69 -19.65 8.58 -13.88
C ILE A 69 -18.32 7.84 -13.80
N VAL A 70 -18.02 7.29 -12.62
CA VAL A 70 -16.79 6.52 -12.38
C VAL A 70 -17.09 5.09 -11.97
N PHE A 71 -16.57 4.12 -12.70
CA PHE A 71 -16.88 2.72 -12.40
C PHE A 71 -15.79 2.09 -11.55
N ASP A 72 -16.15 1.40 -10.52
CA ASP A 72 -15.17 0.70 -9.81
C ASP A 72 -14.74 -0.48 -10.67
N VAL A 73 -13.44 -0.60 -10.89
CA VAL A 73 -12.75 -1.60 -11.74
C VAL A 73 -12.81 -1.28 -13.22
N SER A 74 -14.04 -1.09 -13.70
CA SER A 74 -14.47 -0.75 -15.05
C SER A 74 -14.67 -1.92 -16.00
N HIS A 75 -14.38 -3.07 -15.49
CA HIS A 75 -14.60 -4.26 -16.20
C HIS A 75 -16.11 -4.36 -16.59
N GLN A 76 -17.00 -3.54 -16.00
CA GLN A 76 -18.47 -3.65 -16.26
C GLN A 76 -18.96 -2.46 -17.10
N SER A 77 -18.06 -1.77 -17.80
CA SER A 77 -18.45 -0.51 -18.47
C SER A 77 -18.66 -0.66 -19.99
N TYR A 78 -18.83 -1.90 -20.47
CA TYR A 78 -19.00 -2.12 -21.92
C TYR A 78 -20.21 -1.38 -22.46
N VAL A 79 -21.32 -1.47 -21.72
CA VAL A 79 -22.56 -0.83 -22.12
C VAL A 79 -22.39 0.70 -22.08
N HIS A 80 -21.67 1.19 -21.08
CA HIS A 80 -21.29 2.61 -21.00
C HIS A 80 -20.64 3.07 -22.31
N LYS A 81 -19.63 2.33 -22.76
CA LYS A 81 -18.95 2.68 -24.01
C LYS A 81 -19.94 2.55 -25.17
N MET A 82 -20.84 1.58 -25.08
CA MET A 82 -21.84 1.38 -26.14
C MET A 82 -22.80 2.55 -26.30
N LEU A 83 -22.97 3.33 -25.24
CA LEU A 83 -23.96 4.40 -25.24
C LEU A 83 -23.37 5.80 -25.27
N THR A 84 -22.05 5.89 -25.35
CA THR A 84 -21.42 7.20 -25.30
C THR A 84 -20.57 7.48 -26.53
N GLY A 85 -20.70 6.64 -27.56
CA GLY A 85 -20.04 6.90 -28.83
C GLY A 85 -19.20 5.77 -29.41
N ARG A 86 -19.11 4.65 -28.71
CA ARG A 86 -18.23 3.59 -29.14
C ARG A 86 -18.96 2.31 -29.55
N LYS A 87 -20.21 2.44 -29.96
CA LYS A 87 -21.03 1.29 -30.34
C LYS A 87 -20.45 0.46 -31.49
N ASN A 88 -19.80 1.13 -32.44
CA ASN A 88 -19.24 0.45 -33.61
C ASN A 88 -18.17 -0.56 -33.20
N ALA A 89 -17.53 -0.32 -32.07
CA ALA A 89 -16.58 -1.27 -31.52
C ALA A 89 -17.26 -2.53 -30.94
N PHE A 90 -18.59 -2.53 -30.86
CA PHE A 90 -19.31 -3.69 -30.34
C PHE A 90 -20.24 -4.32 -31.39
N LEU A 91 -20.52 -3.60 -32.47
CA LEU A 91 -21.40 -4.10 -33.53
C LEU A 91 -20.66 -4.70 -34.72
N HIS A 92 -19.45 -4.20 -34.97
CA HIS A 92 -18.64 -4.67 -36.08
C HIS A 92 -17.41 -5.42 -35.57
N PRO A 93 -17.33 -6.71 -35.89
CA PRO A 93 -16.22 -7.59 -35.53
C PRO A 93 -14.86 -7.00 -35.90
N GLU A 94 -14.80 -6.28 -37.00
CA GLU A 94 -13.53 -5.71 -37.45
C GLU A 94 -13.01 -4.66 -36.47
N GLU A 95 -13.88 -4.17 -35.59
CA GLU A 95 -13.52 -3.08 -34.68
C GLU A 95 -13.52 -3.46 -33.19
N TYR A 96 -13.65 -4.76 -32.94
CA TYR A 96 -13.72 -5.29 -31.57
C TYR A 96 -12.60 -4.76 -30.69
N ASP A 97 -11.42 -4.60 -31.28
CA ASP A 97 -10.23 -4.22 -30.56
C ASP A 97 -9.94 -2.73 -30.57
N LEU A 98 -10.89 -1.92 -31.04
CA LEU A 98 -10.65 -0.49 -31.06
C LEU A 98 -10.93 0.19 -29.70
N VAL A 99 -11.39 -0.59 -28.72
CA VAL A 99 -11.59 -0.08 -27.37
C VAL A 99 -10.92 -1.03 -26.42
N SER A 100 -10.45 -0.50 -25.30
CA SER A 100 -9.92 -1.36 -24.26
C SER A 100 -11.07 -1.99 -23.47
N GLY A 101 -10.75 -2.87 -22.54
CA GLY A 101 -11.75 -3.57 -21.75
C GLY A 101 -12.02 -2.85 -20.45
N TYR A 102 -11.48 -1.64 -20.35
CA TYR A 102 -11.61 -0.79 -19.17
C TYR A 102 -11.82 0.65 -19.62
N THR A 103 -12.16 1.56 -18.71
CA THR A 103 -12.41 2.95 -19.12
C THR A 103 -11.12 3.63 -19.54
N GLU A 104 -11.23 4.55 -20.48
CA GLU A 104 -10.06 5.20 -21.06
C GLU A 104 -10.39 6.60 -21.59
N PRO A 105 -9.90 7.65 -20.90
CA PRO A 105 -10.13 9.06 -21.28
C PRO A 105 -9.66 9.39 -22.69
N GLN A 106 -8.61 8.73 -23.17
CA GLN A 106 -8.16 8.87 -24.55
C GLN A 106 -9.20 8.47 -25.61
N GLU A 107 -10.15 7.64 -25.20
CA GLU A 107 -11.21 7.16 -26.10
C GLU A 107 -12.38 8.11 -26.13
N SER A 108 -12.63 8.75 -25.00
CA SER A 108 -13.91 9.38 -24.77
C SER A 108 -13.86 10.37 -23.61
N GLU A 109 -14.53 11.50 -23.79
CA GLU A 109 -14.70 12.48 -22.73
C GLU A 109 -15.59 11.89 -21.63
N HIS A 110 -16.31 10.82 -21.96
CA HIS A 110 -17.19 10.22 -20.98
C HIS A 110 -16.43 9.30 -20.02
N ASP A 111 -15.13 9.18 -20.24
CA ASP A 111 -14.29 8.34 -19.40
C ASP A 111 -13.29 9.23 -18.63
N PHE A 112 -13.35 9.22 -17.30
CA PHE A 112 -12.59 10.17 -16.52
C PHE A 112 -11.33 9.57 -15.89
N PHE A 113 -11.25 8.24 -15.86
CA PHE A 113 -10.07 7.56 -15.34
C PHE A 113 -9.86 6.20 -16.00
N VAL A 114 -8.59 5.86 -16.26
CA VAL A 114 -8.19 4.48 -16.53
C VAL A 114 -8.22 3.73 -15.23
N ILE A 115 -9.09 2.73 -15.16
CA ILE A 115 -9.31 2.00 -13.91
C ILE A 115 -9.24 0.52 -14.18
N GLY A 116 -8.56 -0.34 -13.31
CA GLY A 116 -8.56 -1.81 -13.37
C GLY A 116 -8.52 -2.48 -12.00
N HIS A 117 -8.08 -1.72 -11.01
CA HIS A 117 -7.97 -2.30 -9.64
C HIS A 117 -9.29 -2.05 -8.90
N THR A 118 -9.47 -2.68 -7.76
CA THR A 118 -10.74 -2.63 -7.07
C THR A 118 -10.83 -1.54 -6.00
N SER A 119 -12.07 -1.19 -5.66
CA SER A 119 -12.36 -0.22 -4.64
C SER A 119 -11.72 1.19 -4.78
N THR A 120 -11.66 1.76 -5.98
CA THR A 120 -11.05 3.10 -6.16
C THR A 120 -12.03 4.17 -6.67
N SER A 121 -13.16 3.73 -7.21
CA SER A 121 -14.15 4.66 -7.76
C SER A 121 -14.60 5.72 -6.77
N VAL A 122 -14.94 5.30 -5.56
CA VAL A 122 -15.55 6.22 -4.61
C VAL A 122 -14.55 7.32 -4.26
N SER A 123 -13.31 6.93 -4.00
CA SER A 123 -12.25 7.90 -3.70
C SER A 123 -12.00 8.88 -4.87
N LEU A 124 -11.91 8.35 -6.09
CA LEU A 124 -11.59 9.21 -7.21
C LEU A 124 -12.80 10.13 -7.45
N ALA A 125 -14.01 9.57 -7.37
CA ALA A 125 -15.25 10.33 -7.47
C ALA A 125 -15.36 11.46 -6.45
N THR A 126 -14.99 11.20 -5.19
CA THR A 126 -15.01 12.29 -4.22
C THR A 126 -14.00 13.35 -4.63
N GLY A 127 -12.97 12.94 -5.37
CA GLY A 127 -11.98 13.89 -5.84
C GLY A 127 -12.65 14.86 -6.80
N LEU A 128 -13.37 14.29 -7.77
CA LEU A 128 -14.18 15.08 -8.70
C LEU A 128 -15.17 16.01 -7.99
N ALA A 129 -15.84 15.51 -6.95
CA ALA A 129 -16.86 16.33 -6.28
C ALA A 129 -16.18 17.50 -5.56
N LYS A 130 -15.10 17.21 -4.86
CA LYS A 130 -14.40 18.24 -4.12
C LYS A 130 -13.85 19.30 -5.09
N GLY A 131 -13.46 18.85 -6.29
CA GLY A 131 -12.93 19.74 -7.31
C GLY A 131 -14.00 20.68 -7.85
N ARG A 132 -15.15 20.10 -8.17
CA ARG A 132 -16.37 20.87 -8.45
C ARG A 132 -16.60 21.92 -7.37
N ASP A 133 -16.60 21.48 -6.11
CA ASP A 133 -16.93 22.35 -4.98
C ASP A 133 -15.96 23.53 -4.86
N LEU A 134 -14.68 23.27 -5.08
CA LEU A 134 -13.70 24.35 -4.98
C LEU A 134 -13.80 25.33 -6.15
N THR A 135 -14.44 24.94 -7.24
CA THR A 135 -14.50 25.80 -8.43
C THR A 135 -15.92 26.22 -8.77
N GLY A 136 -16.87 25.85 -7.92
CA GLY A 136 -18.25 26.27 -8.11
C GLY A 136 -19.00 25.66 -9.28
N GLY A 137 -18.65 24.44 -9.67
CA GLY A 137 -19.43 23.73 -10.66
C GLY A 137 -20.76 23.28 -10.05
N ASN A 138 -21.61 22.65 -10.85
CA ASN A 138 -22.90 22.19 -10.36
C ASN A 138 -23.32 20.83 -10.95
N GLU A 139 -22.36 20.08 -11.50
CA GLU A 139 -22.68 18.76 -12.06
C GLU A 139 -22.88 17.68 -11.00
N ASN A 140 -23.56 16.60 -11.39
CA ASN A 140 -23.65 15.41 -10.54
C ASN A 140 -22.37 14.59 -10.66
N ILE A 141 -21.95 13.99 -9.55
CA ILE A 141 -20.79 13.12 -9.52
C ILE A 141 -21.22 11.74 -9.03
N ILE A 142 -21.07 10.72 -9.90
CA ILE A 142 -21.55 9.37 -9.63
C ILE A 142 -20.42 8.36 -9.57
N ALA A 143 -20.38 7.57 -8.49
CA ALA A 143 -19.53 6.37 -8.51
C ALA A 143 -20.42 5.14 -8.65
N VAL A 144 -19.98 4.18 -9.46
CA VAL A 144 -20.68 2.91 -9.57
C VAL A 144 -19.76 1.83 -8.99
N ILE A 145 -20.17 1.20 -7.89
CA ILE A 145 -19.28 0.21 -7.26
C ILE A 145 -19.96 -1.13 -6.92
N GLY A 146 -19.30 -2.22 -7.29
CA GLY A 146 -19.76 -3.58 -6.99
C GLY A 146 -19.70 -3.96 -5.52
N ASP A 147 -20.59 -4.87 -5.11
CA ASP A 147 -20.70 -5.33 -3.72
C ASP A 147 -19.43 -6.01 -3.22
N GLY A 148 -18.73 -6.71 -4.10
CA GLY A 148 -17.45 -7.27 -3.72
C GLY A 148 -16.38 -6.22 -3.43
N SER A 149 -16.32 -5.19 -4.26
CA SER A 149 -15.33 -4.11 -4.11
C SER A 149 -15.51 -3.36 -2.79
N LEU A 150 -16.70 -3.50 -2.20
CA LEU A 150 -17.01 -2.91 -0.90
C LEU A 150 -16.15 -3.51 0.22
N SER A 151 -15.51 -4.65 -0.02
CA SER A 151 -14.69 -5.28 1.00
C SER A 151 -13.26 -4.67 1.05
N GLY A 152 -12.95 -3.76 0.13
CA GLY A 152 -11.63 -3.12 0.12
C GLY A 152 -11.60 -1.88 0.99
N GLY A 153 -10.55 -1.72 1.79
CA GLY A 153 -10.46 -0.64 2.76
C GLY A 153 -10.48 0.74 2.15
N GLU A 154 -9.97 0.86 0.91
CA GLU A 154 -10.01 2.13 0.17
C GLU A 154 -11.46 2.59 -0.09
N ALA A 155 -12.36 1.64 -0.30
CA ALA A 155 -13.75 1.98 -0.51
C ALA A 155 -14.36 2.43 0.82
N PHE A 156 -13.93 1.81 1.92
CA PHE A 156 -14.42 2.24 3.23
C PHE A 156 -13.97 3.68 3.54
N GLU A 157 -12.72 3.99 3.23
CA GLU A 157 -12.18 5.32 3.46
C GLU A 157 -12.90 6.33 2.56
N GLY A 158 -13.19 5.94 1.33
CA GLY A 158 -13.90 6.81 0.44
C GLY A 158 -15.30 7.13 0.92
N LEU A 159 -16.01 6.10 1.38
CA LEU A 159 -17.36 6.29 1.90
C LEU A 159 -17.30 7.21 3.10
N ASP A 160 -16.27 7.00 3.92
CA ASP A 160 -16.07 7.75 5.16
C ASP A 160 -15.90 9.22 4.91
N TYR A 161 -15.14 9.54 3.87
CA TYR A 161 -14.89 10.91 3.48
C TYR A 161 -16.13 11.50 2.78
N ALA A 162 -16.74 10.72 1.88
CA ALA A 162 -17.93 11.17 1.15
C ALA A 162 -19.03 11.69 2.09
N ALA A 163 -19.20 11.02 3.24
CA ALA A 163 -20.18 11.42 4.23
C ALA A 163 -19.89 12.80 4.79
N GLU A 164 -18.73 13.38 4.47
CA GLU A 164 -18.41 14.72 4.98
C GLU A 164 -18.49 15.84 3.96
N LEU A 165 -18.74 15.53 2.70
CA LEU A 165 -18.73 16.54 1.64
C LEU A 165 -19.80 17.65 1.83
N GLY A 166 -20.99 17.25 2.28
CA GLY A 166 -22.08 18.20 2.43
C GLY A 166 -22.62 18.72 1.12
N THR A 167 -22.33 18.00 0.02
CA THR A 167 -22.70 18.43 -1.32
C THR A 167 -23.12 17.22 -2.14
N ASN A 168 -23.46 17.46 -3.40
CA ASN A 168 -23.88 16.42 -4.31
C ASN A 168 -22.80 15.31 -4.39
N MET A 169 -23.26 14.06 -4.21
CA MET A 169 -22.42 12.83 -4.29
C MET A 169 -23.30 11.58 -4.40
N ILE A 170 -23.22 10.90 -5.53
CA ILE A 170 -24.11 9.77 -5.81
C ILE A 170 -23.31 8.48 -5.89
N ILE A 171 -23.65 7.51 -5.05
CA ILE A 171 -22.95 6.22 -5.00
C ILE A 171 -23.90 5.07 -5.34
N ILE A 172 -23.76 4.52 -6.54
CA ILE A 172 -24.58 3.37 -6.93
C ILE A 172 -23.85 2.08 -6.54
N VAL A 173 -24.47 1.35 -5.62
CA VAL A 173 -23.96 0.04 -5.21
C VAL A 173 -24.65 -0.98 -6.05
N ASN A 174 -23.86 -1.72 -6.83
CA ASN A 174 -24.39 -2.74 -7.74
C ASN A 174 -24.34 -4.10 -7.04
N ASP A 175 -25.41 -4.43 -6.31
CA ASP A 175 -25.43 -5.64 -5.48
C ASP A 175 -25.97 -6.84 -6.26
N ASN A 176 -25.08 -7.68 -6.76
CA ASN A 176 -25.50 -8.92 -7.43
C ASN A 176 -25.13 -10.18 -6.63
N GLN A 177 -24.85 -10.01 -5.34
CA GLN A 177 -24.53 -11.12 -4.42
C GLN A 177 -23.37 -12.01 -4.88
N MET A 178 -22.38 -11.42 -5.53
CA MET A 178 -21.25 -12.17 -6.09
C MET A 178 -20.06 -11.24 -6.18
N SER A 179 -18.87 -11.74 -5.86
CA SER A 179 -17.66 -11.03 -6.23
C SER A 179 -17.24 -11.66 -7.54
N ILE A 180 -16.05 -12.27 -7.58
CA ILE A 180 -15.76 -13.27 -8.61
C ILE A 180 -16.30 -14.66 -8.21
N ALA A 181 -15.86 -15.08 -7.03
CA ALA A 181 -16.50 -16.27 -6.43
C ALA A 181 -17.61 -15.67 -5.57
N GLU A 182 -17.94 -16.28 -4.46
CA GLU A 182 -18.91 -15.69 -3.54
C GLU A 182 -18.24 -14.69 -2.60
N ASN A 183 -19.02 -13.74 -2.08
CA ASN A 183 -18.51 -12.73 -1.17
C ASN A 183 -18.16 -13.30 0.22
N HIS A 184 -17.35 -12.56 0.98
CA HIS A 184 -16.88 -12.98 2.31
C HIS A 184 -16.62 -11.77 3.20
N GLY A 185 -17.15 -11.79 4.41
CA GLY A 185 -17.10 -10.65 5.30
C GLY A 185 -18.48 -10.42 5.90
N GLY A 186 -18.52 -10.00 7.16
CA GLY A 186 -19.77 -9.89 7.87
C GLY A 186 -20.67 -8.79 7.36
N LEU A 187 -20.06 -7.83 6.70
CA LEU A 187 -20.77 -6.77 6.00
C LEU A 187 -21.83 -7.34 5.04
N TYR A 188 -21.51 -8.44 4.39
CA TYR A 188 -22.41 -8.98 3.37
C TYR A 188 -23.73 -9.50 3.95
N ARG A 189 -23.70 -9.85 5.23
CA ARG A 189 -24.92 -10.19 5.96
C ARG A 189 -25.75 -8.93 6.10
N ASN A 190 -25.08 -7.77 6.24
CA ASN A 190 -25.83 -6.52 6.29
C ASN A 190 -26.50 -6.15 4.99
N LEU A 191 -25.79 -6.35 3.90
CA LEU A 191 -26.33 -6.08 2.60
C LEU A 191 -27.57 -6.93 2.41
N LYS A 192 -27.48 -8.14 2.87
CA LYS A 192 -28.51 -9.08 2.76
C LYS A 192 -29.72 -8.78 3.60
N GLU A 193 -29.54 -8.31 4.82
CA GLU A 193 -30.74 -8.03 5.67
C GLU A 193 -31.51 -6.89 5.02
N LEU A 194 -30.74 -5.98 4.37
CA LEU A 194 -31.29 -4.84 3.69
C LEU A 194 -32.09 -5.16 2.45
N ARG A 195 -31.61 -6.11 1.66
CA ARG A 195 -32.36 -6.48 0.47
C ARG A 195 -33.68 -7.06 0.96
N ASP A 196 -33.61 -7.93 1.96
CA ASP A 196 -34.79 -8.60 2.49
C ASP A 196 -35.76 -7.66 3.21
N SER A 197 -35.29 -6.52 3.68
CA SER A 197 -36.17 -5.56 4.33
C SER A 197 -36.56 -4.46 3.34
N ASN A 198 -36.27 -4.73 2.07
CA ASN A 198 -36.46 -3.75 1.00
C ASN A 198 -35.92 -2.36 1.36
N GLY A 199 -34.70 -2.33 1.91
CA GLY A 199 -34.03 -1.08 2.20
C GLY A 199 -34.56 -0.37 3.43
N GLN A 200 -35.37 -1.07 4.21
CA GLN A 200 -36.07 -0.44 5.31
C GLN A 200 -35.33 -0.64 6.62
N CYS A 201 -34.42 -1.62 6.65
CA CYS A 201 -33.77 -1.99 7.92
C CYS A 201 -33.06 -0.84 8.62
N GLU A 202 -33.29 -0.79 9.94
CA GLU A 202 -32.75 0.24 10.79
C GLU A 202 -31.23 0.17 10.81
N CYS A 203 -30.71 -1.01 11.09
CA CYS A 203 -29.24 -1.16 11.12
C CYS A 203 -28.69 -1.24 9.68
N ASN A 204 -28.30 -0.08 9.18
CA ASN A 204 -27.88 0.09 7.80
C ASN A 204 -26.42 0.54 7.82
N PHE A 205 -25.53 -0.30 7.29
CA PHE A 205 -24.11 0.02 7.20
C PHE A 205 -23.86 1.41 6.58
N PHE A 206 -24.54 1.69 5.48
CA PHE A 206 -24.35 2.94 4.75
C PHE A 206 -24.76 4.17 5.57
N LYS A 207 -25.88 4.05 6.30
CA LYS A 207 -26.34 5.13 7.19
C LYS A 207 -25.40 5.26 8.41
N ALA A 208 -24.89 4.13 8.90
CA ALA A 208 -23.92 4.10 10.01
C ALA A 208 -22.64 4.84 9.62
N MET A 209 -22.33 4.79 8.33
CA MET A 209 -21.17 5.50 7.77
C MET A 209 -21.42 6.98 7.48
N GLY A 210 -22.65 7.46 7.73
CA GLY A 210 -22.94 8.89 7.64
C GLY A 210 -23.65 9.33 6.38
N LEU A 211 -24.17 8.37 5.62
CA LEU A 211 -24.73 8.65 4.31
C LEU A 211 -26.24 8.40 4.24
N ASP A 212 -26.89 9.08 3.32
CA ASP A 212 -28.31 8.84 3.03
C ASP A 212 -28.44 7.57 2.18
N TYR A 213 -29.66 7.04 2.05
CA TYR A 213 -29.81 5.72 1.44
C TYR A 213 -31.16 5.52 0.78
N ILE A 214 -31.15 4.87 -0.38
CA ILE A 214 -32.36 4.40 -1.03
C ILE A 214 -32.08 3.03 -1.65
N TYR A 215 -33.09 2.15 -1.70
CA TYR A 215 -32.93 0.81 -2.27
C TYR A 215 -33.81 0.54 -3.48
N VAL A 216 -33.28 -0.19 -4.46
CA VAL A 216 -34.02 -0.56 -5.65
C VAL A 216 -33.86 -2.05 -5.88
N ASN A 217 -34.95 -2.78 -5.64
CA ASN A 217 -34.95 -4.25 -5.70
C ASN A 217 -34.86 -4.81 -7.11
N ASP A 218 -35.43 -4.10 -8.08
CA ASP A 218 -35.34 -4.62 -9.44
C ASP A 218 -34.29 -3.83 -10.17
N GLY A 219 -33.04 -4.21 -9.95
CA GLY A 219 -31.93 -3.56 -10.61
C GLY A 219 -31.82 -3.85 -12.10
N ASN A 220 -32.78 -4.59 -12.66
CA ASN A 220 -32.76 -4.85 -14.11
C ASN A 220 -34.03 -4.39 -14.82
N ASP A 221 -34.64 -3.36 -14.26
CA ASP A 221 -35.86 -2.78 -14.81
C ASP A 221 -35.61 -1.30 -15.06
N VAL A 222 -35.56 -0.88 -16.33
CA VAL A 222 -35.13 0.47 -16.68
C VAL A 222 -36.02 1.49 -15.96
N GLN A 223 -37.30 1.17 -15.82
CA GLN A 223 -38.25 2.09 -15.20
C GLN A 223 -37.95 2.35 -13.74
N ALA A 224 -37.75 1.27 -12.98
CA ALA A 224 -37.42 1.39 -11.56
C ALA A 224 -36.17 2.25 -11.37
N LEU A 225 -35.12 1.92 -12.12
CA LEU A 225 -33.85 2.65 -12.05
C LEU A 225 -33.98 4.13 -12.46
N ILE A 226 -34.70 4.40 -13.55
CA ILE A 226 -34.92 5.80 -13.98
C ILE A 226 -35.58 6.59 -12.87
N GLU A 227 -36.61 5.96 -12.31
CA GLU A 227 -37.31 6.42 -11.12
C GLU A 227 -36.35 6.69 -9.97
N ALA A 228 -35.54 5.68 -9.63
CA ALA A 228 -34.52 5.86 -8.59
C ALA A 228 -33.57 6.99 -8.95
N PHE A 229 -33.02 6.92 -10.15
CA PHE A 229 -31.97 7.85 -10.53
C PHE A 229 -32.49 9.29 -10.64
N SER A 230 -33.73 9.45 -11.08
CA SER A 230 -34.30 10.80 -11.20
C SER A 230 -34.52 11.42 -9.82
N LYS A 231 -34.83 10.57 -8.85
CA LYS A 231 -35.07 11.02 -7.48
C LYS A 231 -33.81 11.63 -6.87
N VAL A 232 -32.64 11.06 -7.18
CA VAL A 232 -31.37 11.53 -6.62
C VAL A 232 -30.68 12.60 -7.47
N LYS A 233 -31.18 12.81 -8.69
CA LYS A 233 -30.59 13.80 -9.57
C LYS A 233 -30.62 15.19 -8.96
N ASP A 234 -29.47 15.86 -9.03
CA ASP A 234 -29.29 17.20 -8.47
C ASP A 234 -29.51 17.29 -6.95
N ILE A 235 -29.43 16.15 -6.27
CA ILE A 235 -29.42 16.11 -4.82
C ILE A 235 -28.21 16.90 -4.27
N GLN A 236 -28.33 17.47 -3.05
CA GLN A 236 -27.27 18.32 -2.49
C GLN A 236 -26.54 17.74 -1.27
N HIS A 237 -26.60 16.42 -1.11
CA HIS A 237 -25.86 15.76 -0.07
C HIS A 237 -25.59 14.35 -0.54
N PRO A 238 -24.57 13.70 0.05
CA PRO A 238 -24.15 12.33 -0.31
C PRO A 238 -25.23 11.27 -0.12
N ILE A 239 -25.44 10.41 -1.12
CA ILE A 239 -26.48 9.38 -1.05
C ILE A 239 -26.00 8.08 -1.69
N VAL A 240 -26.42 6.97 -1.09
CA VAL A 240 -26.18 5.63 -1.63
C VAL A 240 -27.45 5.18 -2.34
N VAL A 241 -27.30 4.70 -3.57
CA VAL A 241 -28.40 4.00 -4.26
C VAL A 241 -28.01 2.53 -4.42
N HIS A 242 -28.55 1.71 -3.55
CA HIS A 242 -28.23 0.30 -3.47
C HIS A 242 -29.21 -0.46 -4.36
N ILE A 243 -28.69 -1.12 -5.39
CA ILE A 243 -29.54 -1.80 -6.36
C ILE A 243 -29.23 -3.29 -6.41
N ASN A 244 -30.24 -4.10 -6.73
CA ASN A 244 -30.07 -5.55 -6.78
C ASN A 244 -30.17 -6.03 -8.23
N THR A 245 -29.02 -6.43 -8.79
CA THR A 245 -28.97 -6.92 -10.16
C THR A 245 -28.70 -8.40 -10.18
N LEU A 246 -29.10 -9.04 -11.28
CA LEU A 246 -28.90 -10.48 -11.45
C LEU A 246 -27.72 -10.64 -12.39
N LYS A 247 -26.61 -11.14 -11.85
CA LYS A 247 -25.37 -11.28 -12.59
C LYS A 247 -25.54 -12.16 -13.83
N GLY A 248 -25.32 -11.57 -15.00
CA GLY A 248 -25.35 -12.31 -16.24
C GLY A 248 -26.74 -12.49 -16.81
N LYS A 249 -27.69 -11.70 -16.35
CA LYS A 249 -29.08 -11.74 -16.81
C LYS A 249 -29.22 -11.77 -18.34
N GLY A 250 -30.08 -12.66 -18.82
CA GLY A 250 -30.39 -12.73 -20.23
C GLY A 250 -29.73 -13.88 -20.93
N TYR A 251 -28.87 -14.59 -20.21
CA TYR A 251 -28.15 -15.73 -20.76
C TYR A 251 -28.14 -16.85 -19.71
N GLU A 252 -29.07 -17.80 -19.86
CA GLU A 252 -29.34 -18.89 -18.93
C GLU A 252 -28.08 -19.44 -18.23
N ARG A 253 -27.11 -19.85 -19.04
CA ARG A 253 -25.86 -20.45 -18.57
C ARG A 253 -25.10 -19.55 -17.61
N ALA A 254 -25.16 -18.24 -17.86
CA ALA A 254 -24.52 -17.26 -16.98
C ALA A 254 -25.27 -17.13 -15.67
N GLU A 255 -26.60 -17.07 -15.74
CA GLU A 255 -27.42 -16.98 -14.54
C GLU A 255 -27.23 -18.18 -13.59
N GLN A 256 -26.99 -19.37 -14.16
CA GLN A 256 -26.81 -20.58 -13.37
C GLN A 256 -25.38 -20.81 -12.87
N ASP A 257 -24.37 -20.19 -13.48
CA ASP A 257 -22.93 -20.36 -13.13
C ASP A 257 -22.19 -19.00 -13.25
N LYS A 258 -22.17 -18.29 -12.14
CA LYS A 258 -21.88 -16.84 -12.09
C LYS A 258 -20.36 -16.76 -12.00
N GLU A 259 -19.74 -17.68 -11.27
CA GLU A 259 -18.28 -17.67 -11.13
C GLU A 259 -17.55 -17.94 -12.46
N THR A 260 -18.03 -18.93 -13.20
CA THR A 260 -17.46 -19.28 -14.49
C THR A 260 -17.60 -18.12 -15.49
N TYR A 261 -18.72 -17.42 -15.41
CA TYR A 261 -19.08 -16.44 -16.42
C TYR A 261 -18.67 -15.01 -16.07
N HIS A 262 -17.99 -14.84 -14.95
CA HIS A 262 -17.44 -13.54 -14.63
C HIS A 262 -16.48 -13.08 -15.74
N TRP A 263 -15.69 -14.01 -16.28
CA TRP A 263 -14.83 -13.73 -17.41
C TRP A 263 -14.70 -14.99 -18.23
N ARG A 264 -14.94 -14.90 -19.54
CA ARG A 264 -14.91 -16.04 -20.44
C ARG A 264 -13.88 -15.88 -21.56
N THR A 265 -13.20 -16.98 -21.91
CA THR A 265 -12.48 -17.05 -23.18
C THR A 265 -13.51 -17.18 -24.29
N PRO A 266 -13.09 -17.01 -25.56
CA PRO A 266 -14.11 -17.20 -26.59
C PRO A 266 -14.79 -18.58 -26.50
N PHE A 267 -16.10 -18.58 -26.73
CA PHE A 267 -16.88 -19.77 -26.52
C PHE A 267 -18.03 -19.90 -27.52
N ASN A 268 -18.71 -21.05 -27.50
CA ASN A 268 -19.85 -21.27 -28.36
C ASN A 268 -21.13 -20.78 -27.69
N PRO A 269 -21.77 -19.76 -28.28
CA PRO A 269 -22.99 -19.13 -27.74
C PRO A 269 -24.12 -20.08 -27.38
N GLU A 270 -24.21 -21.21 -28.06
CA GLU A 270 -25.32 -22.15 -27.91
C GLU A 270 -25.06 -23.23 -26.84
N THR A 271 -23.81 -23.67 -26.74
CA THR A 271 -23.43 -24.68 -25.75
C THR A 271 -22.70 -24.08 -24.53
N GLY A 272 -22.14 -22.89 -24.70
CA GLY A 272 -21.37 -22.25 -23.66
C GLY A 272 -19.94 -22.74 -23.47
N GLU A 273 -19.54 -23.78 -24.22
CA GLU A 273 -18.20 -24.35 -24.10
C GLU A 273 -17.13 -23.53 -24.80
N ALA A 274 -15.93 -23.49 -24.21
CA ALA A 274 -14.79 -22.80 -24.82
C ALA A 274 -14.53 -23.31 -26.23
N LYS A 275 -13.98 -22.42 -27.07
CA LYS A 275 -13.68 -22.74 -28.46
C LYS A 275 -12.40 -23.57 -28.63
N VAL A 276 -11.41 -23.34 -27.77
CA VAL A 276 -10.22 -24.21 -27.71
C VAL A 276 -10.25 -25.03 -26.42
N SER A 277 -10.46 -26.34 -26.56
CA SER A 277 -10.79 -27.18 -25.40
C SER A 277 -9.63 -27.92 -24.74
N TYR A 278 -8.50 -28.06 -25.43
CA TYR A 278 -7.33 -28.67 -24.81
C TYR A 278 -6.60 -27.69 -23.89
N GLU A 279 -6.18 -28.20 -22.75
CA GLU A 279 -5.49 -27.44 -21.76
C GLU A 279 -4.50 -28.29 -21.05
N GLU A 280 -3.29 -27.81 -20.85
CA GLU A 280 -2.38 -28.62 -20.02
C GLU A 280 -2.19 -27.87 -18.70
N GLU A 281 -1.90 -28.54 -17.59
CA GLU A 281 -1.84 -27.78 -16.34
C GLU A 281 -0.88 -26.59 -16.33
N ASP A 282 -1.28 -25.51 -15.66
CA ASP A 282 -0.33 -24.42 -15.43
C ASP A 282 0.14 -24.46 -13.97
N TYR A 283 0.98 -23.52 -13.56
CA TYR A 283 1.53 -23.55 -12.20
C TYR A 283 0.44 -23.32 -11.15
N SER A 284 -0.63 -22.64 -11.53
CA SER A 284 -1.80 -22.53 -10.68
C SER A 284 -2.40 -23.88 -10.34
N GLU A 285 -2.47 -24.78 -11.33
CA GLU A 285 -3.04 -26.10 -11.09
C GLU A 285 -2.14 -26.90 -10.16
N VAL A 286 -0.86 -26.90 -10.50
CA VAL A 286 0.17 -27.52 -9.69
C VAL A 286 0.03 -27.07 -8.26
N THR A 287 -0.04 -25.76 -8.09
CA THR A 287 -0.07 -25.18 -6.76
C THR A 287 -1.29 -25.67 -5.99
N ALA A 288 -2.46 -25.69 -6.64
CA ALA A 288 -3.67 -26.22 -5.99
C ALA A 288 -3.45 -27.66 -5.53
N GLN A 289 -2.76 -28.41 -6.38
CA GLN A 289 -2.51 -29.83 -6.16
C GLN A 289 -1.64 -30.00 -4.93
N TYR A 290 -0.60 -29.20 -4.83
CA TYR A 290 0.33 -29.25 -3.70
C TYR A 290 -0.32 -28.90 -2.37
N LEU A 291 -1.08 -27.82 -2.34
CA LEU A 291 -1.62 -27.30 -1.10
C LEU A 291 -2.75 -28.17 -0.55
N LEU A 292 -3.56 -28.74 -1.43
CA LEU A 292 -4.60 -29.67 -0.99
C LEU A 292 -3.99 -30.92 -0.31
N LYS A 293 -2.88 -31.41 -0.85
CA LYS A 293 -2.12 -32.48 -0.23
C LYS A 293 -1.56 -32.04 1.13
N LYS A 294 -0.71 -31.03 1.11
CA LYS A 294 -0.09 -30.53 2.33
C LYS A 294 -1.10 -30.23 3.42
N MET A 295 -2.23 -29.64 3.06
CA MET A 295 -3.21 -29.20 4.04
C MET A 295 -3.87 -30.41 4.68
N LYS A 296 -3.97 -31.50 3.92
CA LYS A 296 -4.49 -32.78 4.42
C LYS A 296 -3.52 -33.44 5.42
N GLU A 297 -2.23 -33.37 5.14
CA GLU A 297 -1.22 -34.01 5.97
C GLU A 297 -0.85 -33.19 7.21
N ASP A 298 -1.06 -31.87 7.15
CA ASP A 298 -0.51 -30.95 8.13
C ASP A 298 -1.58 -29.92 8.49
N SER A 299 -2.22 -30.08 9.64
CA SER A 299 -3.41 -29.27 9.96
C SER A 299 -3.09 -27.79 10.24
N ARG A 300 -1.80 -27.46 10.31
CA ARG A 300 -1.35 -26.08 10.58
C ARG A 300 -1.39 -25.22 9.31
N VAL A 301 -1.43 -25.88 8.17
CA VAL A 301 -1.30 -25.19 6.90
C VAL A 301 -2.66 -24.64 6.46
N VAL A 302 -2.65 -23.37 6.06
CA VAL A 302 -3.86 -22.68 5.62
C VAL A 302 -3.54 -21.87 4.36
N THR A 303 -4.41 -22.00 3.38
CA THR A 303 -4.24 -21.27 2.13
C THR A 303 -5.10 -20.03 2.15
N ILE A 304 -4.51 -18.91 1.73
CA ILE A 304 -5.24 -17.64 1.73
C ILE A 304 -5.34 -17.00 0.34
N THR A 305 -6.54 -16.55 0.00
CA THR A 305 -6.76 -15.64 -1.15
C THR A 305 -7.48 -14.34 -0.75
N SER A 306 -7.25 -13.31 -1.56
CA SER A 306 -7.92 -12.03 -1.41
C SER A 306 -8.76 -12.07 -2.70
N GLY A 307 -9.95 -12.67 -2.60
CA GLY A 307 -11.00 -12.58 -3.60
C GLY A 307 -10.68 -13.18 -4.98
N THR A 308 -9.54 -13.84 -5.11
CA THR A 308 -9.13 -14.42 -6.40
C THR A 308 -8.58 -15.85 -6.11
N PRO A 309 -9.48 -16.79 -5.73
CA PRO A 309 -9.08 -18.19 -5.46
C PRO A 309 -8.54 -18.94 -6.66
N ALA A 310 -9.01 -18.59 -7.87
CA ALA A 310 -8.55 -19.25 -9.10
C ALA A 310 -7.06 -19.08 -9.33
N VAL A 311 -6.45 -18.06 -8.72
CA VAL A 311 -5.02 -17.81 -8.93
C VAL A 311 -4.26 -18.93 -8.26
N LEU A 312 -4.92 -19.61 -7.34
CA LEU A 312 -4.34 -20.74 -6.63
C LEU A 312 -4.92 -22.10 -7.09
N GLY A 313 -5.67 -22.09 -8.19
CA GLY A 313 -6.29 -23.30 -8.70
C GLY A 313 -7.44 -23.81 -7.85
N PHE A 314 -8.08 -22.93 -7.09
CA PHE A 314 -9.10 -23.36 -6.14
C PHE A 314 -10.53 -23.16 -6.61
N THR A 315 -10.95 -24.14 -7.39
CA THR A 315 -12.33 -24.33 -7.86
C THR A 315 -13.28 -24.38 -6.66
N PRO A 316 -14.58 -24.17 -6.89
CA PRO A 316 -15.52 -24.27 -5.75
C PRO A 316 -15.47 -25.63 -5.02
N ASP A 317 -15.27 -26.73 -5.74
CA ASP A 317 -15.18 -28.04 -5.11
C ASP A 317 -13.98 -28.09 -4.17
N ARG A 318 -12.80 -27.76 -4.71
CA ARG A 318 -11.55 -27.77 -3.95
C ARG A 318 -11.61 -26.85 -2.70
N ARG A 319 -12.32 -25.73 -2.79
CA ARG A 319 -12.47 -24.89 -1.62
C ARG A 319 -13.23 -25.66 -0.56
N LYS A 320 -14.25 -26.38 -1.00
CA LYS A 320 -15.10 -27.17 -0.13
C LYS A 320 -14.28 -28.28 0.53
N GLU A 321 -13.43 -28.91 -0.27
CA GLU A 321 -12.56 -29.96 0.22
C GLU A 321 -11.72 -29.42 1.36
N ALA A 322 -11.12 -28.26 1.12
CA ALA A 322 -10.17 -27.66 2.07
C ALA A 322 -10.83 -27.13 3.34
N GLY A 323 -12.12 -26.79 3.28
CA GLY A 323 -12.84 -26.37 4.48
C GLY A 323 -12.27 -25.18 5.27
N LYS A 324 -11.91 -25.43 6.52
CA LYS A 324 -11.42 -24.36 7.41
C LYS A 324 -10.00 -23.93 7.07
N GLN A 325 -9.33 -24.71 6.23
CA GLN A 325 -7.93 -24.48 5.89
C GLN A 325 -7.76 -23.65 4.60
N PHE A 326 -8.86 -23.21 4.01
CA PHE A 326 -8.75 -22.29 2.89
C PHE A 326 -9.47 -21.02 3.24
N VAL A 327 -8.78 -19.90 3.16
CA VAL A 327 -9.38 -18.65 3.60
C VAL A 327 -9.48 -17.64 2.46
N ASP A 328 -10.65 -17.06 2.30
CA ASP A 328 -10.84 -15.97 1.34
C ASP A 328 -11.27 -14.75 2.12
N VAL A 329 -10.42 -13.71 2.12
CA VAL A 329 -10.64 -12.55 3.00
C VAL A 329 -11.39 -11.38 2.35
N GLY A 330 -11.97 -11.58 1.18
CA GLY A 330 -12.56 -10.50 0.38
C GLY A 330 -11.45 -9.89 -0.47
N ILE A 331 -11.72 -8.74 -1.07
CA ILE A 331 -10.70 -8.11 -1.88
C ILE A 331 -9.86 -7.18 -1.00
N ALA A 332 -9.15 -7.79 -0.05
CA ALA A 332 -8.49 -7.09 1.04
C ALA A 332 -7.02 -7.53 1.17
N GLU A 333 -6.21 -7.19 0.16
CA GLU A 333 -4.80 -7.55 0.10
C GLU A 333 -4.00 -7.11 1.34
N GLU A 334 -4.32 -5.94 1.86
CA GLU A 334 -3.61 -5.38 3.00
C GLU A 334 -3.75 -6.29 4.18
N HIS A 335 -4.99 -6.66 4.46
CA HIS A 335 -5.35 -7.47 5.59
C HIS A 335 -4.77 -8.89 5.45
N ALA A 336 -4.81 -9.42 4.23
CA ALA A 336 -4.30 -10.74 3.94
C ALA A 336 -2.90 -10.91 4.47
N VAL A 337 -2.09 -9.85 4.34
CA VAL A 337 -0.71 -9.94 4.77
C VAL A 337 -0.63 -9.90 6.29
N ALA A 338 -1.36 -8.99 6.91
CA ALA A 338 -1.31 -8.91 8.37
C ALA A 338 -1.89 -10.20 9.02
N LEU A 339 -2.95 -10.74 8.41
CA LEU A 339 -3.53 -12.01 8.84
C LEU A 339 -2.51 -13.15 8.78
N ALA A 340 -1.84 -13.27 7.63
CA ALA A 340 -0.81 -14.28 7.45
C ALA A 340 0.25 -14.16 8.54
N SER A 341 0.62 -12.92 8.86
CA SER A 341 1.69 -12.67 9.81
C SER A 341 1.29 -13.08 11.25
N GLY A 342 0.04 -12.78 11.63
CA GLY A 342 -0.45 -13.19 12.93
C GLY A 342 -0.68 -14.69 13.07
N ILE A 343 -1.16 -15.30 12.00
CA ILE A 343 -1.28 -16.74 11.97
C ILE A 343 0.10 -17.36 12.25
N ALA A 344 1.12 -16.94 11.51
CA ALA A 344 2.44 -17.50 11.70
C ALA A 344 2.99 -17.21 13.10
N ALA A 345 2.52 -16.14 13.74
CA ALA A 345 2.96 -15.83 15.11
C ALA A 345 2.31 -16.72 16.20
N ASN A 346 1.19 -17.34 15.89
CA ASN A 346 0.48 -18.17 16.87
C ASN A 346 0.38 -19.59 16.31
N GLY A 347 1.45 -20.04 15.65
CA GLY A 347 1.60 -21.45 15.29
C GLY A 347 0.98 -22.03 14.03
N GLY A 348 0.37 -21.18 13.19
CA GLY A 348 -0.23 -21.65 11.96
C GLY A 348 0.82 -21.61 10.87
N LYS A 349 0.55 -22.22 9.72
CA LYS A 349 1.47 -22.13 8.58
C LYS A 349 0.75 -21.56 7.35
N PRO A 350 0.74 -20.22 7.22
CA PRO A 350 -0.04 -19.59 6.15
C PRO A 350 0.67 -19.55 4.81
N VAL A 351 -0.13 -19.72 3.76
CA VAL A 351 0.35 -19.59 2.39
C VAL A 351 -0.58 -18.65 1.64
N TYR A 352 -0.14 -17.42 1.43
CA TYR A 352 -0.99 -16.43 0.76
C TYR A 352 -0.59 -16.34 -0.71
N GLY A 353 -1.54 -16.62 -1.60
CA GLY A 353 -1.27 -16.49 -3.01
C GLY A 353 -1.97 -15.30 -3.62
N VAL A 354 -1.26 -14.58 -4.45
CA VAL A 354 -1.78 -13.30 -4.92
C VAL A 354 -1.14 -13.01 -6.26
N TYR A 355 -1.82 -12.21 -7.08
CA TYR A 355 -1.25 -11.72 -8.34
C TYR A 355 -0.25 -10.63 -8.03
N SER A 356 0.82 -10.57 -8.82
CA SER A 356 1.81 -9.50 -8.77
C SER A 356 1.20 -8.10 -8.79
N THR A 357 0.33 -7.84 -9.76
CA THR A 357 -0.24 -6.52 -9.95
C THR A 357 -1.08 -6.10 -8.72
N PHE A 358 -1.70 -7.08 -8.06
CA PHE A 358 -2.57 -6.75 -6.92
C PHE A 358 -1.82 -6.61 -5.61
N ILE A 359 -0.69 -7.33 -5.47
CA ILE A 359 0.11 -7.27 -4.24
C ILE A 359 0.70 -5.85 -4.04
N GLN A 360 0.62 -5.03 -5.08
CA GLN A 360 1.06 -3.64 -5.00
C GLN A 360 0.34 -2.87 -3.86
N ARG A 361 -0.82 -3.35 -3.42
CA ARG A 361 -1.60 -2.66 -2.39
C ARG A 361 -0.97 -2.77 -0.99
N SER A 362 -0.06 -3.72 -0.78
CA SER A 362 0.31 -4.12 0.58
C SER A 362 1.74 -3.85 0.93
N TYR A 363 2.32 -2.75 0.45
CA TYR A 363 3.73 -2.51 0.74
C TYR A 363 3.98 -2.35 2.25
N ASP A 364 3.20 -1.48 2.90
CA ASP A 364 3.44 -1.20 4.32
C ASP A 364 3.18 -2.40 5.22
N GLN A 365 2.26 -3.25 4.81
CA GLN A 365 1.91 -4.43 5.60
C GLN A 365 3.00 -5.47 5.43
N LEU A 366 3.47 -5.67 4.19
CA LEU A 366 4.66 -6.51 3.96
C LEU A 366 5.84 -5.99 4.81
N SER A 367 6.05 -4.69 4.79
CA SER A 367 7.19 -4.13 5.49
C SER A 367 7.06 -4.17 7.04
N GLN A 368 5.91 -3.74 7.56
CA GLN A 368 5.72 -3.54 8.99
C GLN A 368 5.05 -4.74 9.64
N ASP A 369 3.83 -5.03 9.18
CA ASP A 369 3.07 -6.14 9.73
C ASP A 369 3.84 -7.46 9.62
N LEU A 370 4.48 -7.67 8.48
CA LEU A 370 5.15 -8.94 8.22
C LEU A 370 6.63 -8.90 8.57
N CYS A 371 7.40 -8.04 7.91
CA CYS A 371 8.86 -8.14 7.98
C CYS A 371 9.54 -7.56 9.24
N ILE A 372 9.03 -6.45 9.77
CA ILE A 372 9.58 -5.94 11.05
C ILE A 372 9.55 -7.05 12.12
N ASN A 373 8.48 -7.82 12.15
CA ASN A 373 8.35 -8.90 13.12
C ASN A 373 9.06 -10.16 12.64
N ASN A 374 9.47 -10.17 11.39
CA ASN A 374 10.23 -11.29 10.83
C ASN A 374 9.48 -12.61 10.92
N ASN A 375 8.15 -12.56 10.88
CA ASN A 375 7.33 -13.78 10.92
C ASN A 375 7.38 -14.57 9.62
N PRO A 376 7.48 -15.91 9.74
CA PRO A 376 7.60 -16.83 8.60
C PRO A 376 6.28 -17.13 7.90
N ALA A 377 5.58 -16.12 7.41
CA ALA A 377 4.47 -16.38 6.52
C ALA A 377 5.02 -16.55 5.11
N VAL A 378 4.31 -17.32 4.30
CA VAL A 378 4.70 -17.57 2.92
C VAL A 378 3.78 -16.86 1.92
N LEU A 379 4.39 -16.14 0.99
CA LEU A 379 3.67 -15.39 -0.03
C LEU A 379 3.98 -16.01 -1.41
N LEU A 380 2.96 -16.35 -2.18
CA LEU A 380 3.22 -16.77 -3.56
C LEU A 380 2.72 -15.72 -4.53
N VAL A 381 3.62 -15.22 -5.37
CA VAL A 381 3.33 -14.12 -6.27
C VAL A 381 3.26 -14.62 -7.71
N PHE A 382 2.06 -14.56 -8.28
CA PHE A 382 1.82 -15.18 -9.57
C PHE A 382 1.86 -14.17 -10.70
N TRP A 383 2.18 -14.66 -11.89
CA TRP A 383 1.99 -13.96 -13.15
C TRP A 383 2.89 -12.76 -13.34
N GLY A 384 3.99 -12.73 -12.59
CA GLY A 384 4.96 -11.68 -12.70
C GLY A 384 5.80 -11.89 -13.95
N THR A 385 5.55 -11.08 -14.96
CA THR A 385 6.25 -11.20 -16.24
C THR A 385 5.93 -10.00 -17.14
N LEU A 386 6.75 -9.80 -18.15
CA LEU A 386 6.51 -8.77 -19.14
C LEU A 386 5.67 -9.29 -20.29
N SER A 387 5.38 -10.60 -20.28
CA SER A 387 4.65 -11.25 -21.36
C SER A 387 3.38 -11.92 -20.86
N GLY A 388 2.51 -11.19 -20.18
CA GLY A 388 1.29 -11.81 -19.71
C GLY A 388 0.13 -10.90 -19.97
N MET A 389 -0.57 -10.55 -18.90
CA MET A 389 -1.61 -9.56 -18.99
C MET A 389 -0.94 -8.28 -19.50
N ASN A 390 -1.50 -7.66 -20.53
CA ASN A 390 -0.81 -6.53 -21.15
C ASN A 390 -1.64 -5.24 -21.22
N ASP A 391 -2.73 -5.16 -20.46
CA ASP A 391 -3.38 -3.86 -20.29
C ASP A 391 -2.76 -3.14 -19.09
N VAL A 392 -2.73 -1.80 -19.15
CA VAL A 392 -1.92 -0.97 -18.25
C VAL A 392 -2.22 -1.18 -16.73
N THR A 393 -3.48 -1.39 -16.37
CA THR A 393 -3.84 -1.51 -14.97
C THR A 393 -3.49 -2.89 -14.41
N HIS A 394 -3.24 -3.85 -15.27
CA HIS A 394 -2.89 -5.17 -14.77
C HIS A 394 -1.47 -5.62 -15.11
N LEU A 395 -0.57 -4.65 -15.32
CA LEU A 395 0.84 -4.93 -15.63
C LEU A 395 1.59 -5.50 -14.44
N CYS A 396 2.02 -6.75 -14.54
CA CYS A 396 2.76 -7.38 -13.45
C CYS A 396 4.27 -7.10 -13.56
N PHE A 397 4.63 -5.82 -13.66
CA PHE A 397 6.01 -5.42 -13.96
C PHE A 397 6.80 -5.12 -12.70
N PHE A 398 6.11 -4.93 -11.57
CA PHE A 398 6.75 -4.20 -10.47
C PHE A 398 6.97 -4.96 -9.14
N ASP A 399 6.69 -6.26 -9.08
CA ASP A 399 6.76 -6.95 -7.77
C ASP A 399 8.20 -7.09 -7.24
N ILE A 400 9.15 -7.27 -8.15
CA ILE A 400 10.55 -7.34 -7.72
C ILE A 400 10.95 -6.01 -7.07
N PRO A 401 10.72 -4.85 -7.74
CA PRO A 401 11.02 -3.60 -7.01
C PRO A 401 10.08 -3.34 -5.81
N LEU A 402 8.86 -3.86 -5.84
CA LEU A 402 7.97 -3.63 -4.69
C LEU A 402 8.48 -4.36 -3.43
N ILE A 403 8.85 -5.63 -3.60
CA ILE A 403 9.06 -6.56 -2.49
C ILE A 403 10.53 -6.77 -2.12
N SER A 404 11.40 -6.74 -3.11
CA SER A 404 12.73 -7.30 -2.91
C SER A 404 13.62 -6.33 -2.17
N ASN A 405 13.15 -5.11 -1.97
CA ASN A 405 13.99 -4.11 -1.32
C ASN A 405 13.56 -3.84 0.13
N ILE A 406 12.62 -4.65 0.62
CA ILE A 406 12.20 -4.62 2.00
C ILE A 406 13.15 -5.43 2.86
N PRO A 407 13.62 -4.87 3.99
CA PRO A 407 14.50 -5.60 4.92
C PRO A 407 13.88 -6.89 5.49
N ASN A 408 14.72 -7.89 5.74
CA ASN A 408 14.31 -9.17 6.32
C ASN A 408 13.60 -10.11 5.35
N MET A 409 13.03 -9.55 4.28
CA MET A 409 12.32 -10.37 3.30
C MET A 409 13.23 -11.31 2.49
N VAL A 410 12.76 -12.55 2.36
CA VAL A 410 13.35 -13.50 1.44
C VAL A 410 12.45 -13.69 0.18
N TYR A 411 12.94 -13.31 -0.99
CA TYR A 411 12.16 -13.48 -2.24
C TYR A 411 12.87 -14.45 -3.16
N LEU A 412 12.23 -15.58 -3.45
CA LEU A 412 12.85 -16.66 -4.23
C LEU A 412 12.32 -16.68 -5.65
N ALA A 413 13.22 -17.00 -6.58
CA ALA A 413 12.86 -17.06 -8.00
C ALA A 413 13.15 -18.42 -8.60
N PRO A 414 12.16 -19.34 -8.52
CA PRO A 414 12.27 -20.65 -9.18
C PRO A 414 12.28 -20.59 -10.71
N THR A 415 12.93 -21.57 -11.33
CA THR A 415 13.05 -21.61 -12.77
C THR A 415 12.29 -22.79 -13.35
N CYS A 416 12.07 -23.83 -12.54
CA CYS A 416 11.36 -25.00 -13.02
C CYS A 416 10.53 -25.65 -11.91
N LYS A 417 9.69 -26.62 -12.28
CA LYS A 417 8.62 -27.08 -11.40
C LYS A 417 9.10 -27.72 -10.09
N GLU A 418 10.10 -28.58 -10.17
CA GLU A 418 10.54 -29.28 -8.98
C GLU A 418 11.20 -28.31 -8.00
N GLU A 419 11.96 -27.36 -8.56
CA GLU A 419 12.59 -26.31 -7.76
C GLU A 419 11.53 -25.44 -7.06
N TYR A 420 10.51 -25.02 -7.81
CA TYR A 420 9.39 -24.27 -7.24
C TYR A 420 8.81 -25.04 -6.05
N LEU A 421 8.52 -26.32 -6.25
CA LEU A 421 7.86 -27.11 -5.21
C LEU A 421 8.78 -27.36 -4.00
N ALA A 422 10.09 -27.39 -4.26
CA ALA A 422 11.10 -27.58 -3.24
C ALA A 422 11.26 -26.33 -2.35
N MET A 423 11.24 -25.15 -2.95
CA MET A 423 11.34 -23.92 -2.17
C MET A 423 10.05 -23.76 -1.38
N LEU A 424 8.92 -24.15 -1.96
CA LEU A 424 7.66 -23.98 -1.26
C LEU A 424 7.56 -24.94 -0.05
N GLU A 425 8.05 -26.17 -0.22
CA GLU A 425 8.09 -27.14 0.86
C GLU A 425 9.02 -26.64 1.97
N TRP A 426 10.19 -26.15 1.57
CA TRP A 426 11.15 -25.60 2.54
C TRP A 426 10.58 -24.38 3.24
N SER A 427 9.92 -23.51 2.48
CA SER A 427 9.21 -22.33 3.02
C SER A 427 8.32 -22.67 4.17
N ILE A 428 7.48 -23.69 3.99
CA ILE A 428 6.56 -24.08 5.04
C ILE A 428 7.32 -24.68 6.21
N ARG A 429 8.45 -25.32 5.95
CA ARG A 429 9.13 -26.08 6.98
C ARG A 429 9.94 -25.12 7.86
N GLN A 430 10.53 -24.10 7.25
CA GLN A 430 11.39 -23.18 8.00
C GLN A 430 10.57 -22.27 8.90
N ASN A 431 11.24 -21.64 9.87
CA ASN A 431 10.58 -20.77 10.84
C ASN A 431 11.35 -19.48 11.10
N GLU A 432 12.25 -19.11 10.18
CA GLU A 432 13.24 -18.07 10.44
C GLU A 432 13.02 -16.80 9.61
N HIS A 433 12.31 -16.92 8.49
CA HIS A 433 12.08 -15.80 7.58
C HIS A 433 10.67 -15.72 6.99
N PRO A 434 10.18 -14.49 6.76
CA PRO A 434 9.09 -14.31 5.79
C PRO A 434 9.58 -14.70 4.41
N VAL A 435 8.81 -15.54 3.71
CA VAL A 435 9.27 -15.98 2.38
C VAL A 435 8.23 -15.66 1.31
N ALA A 436 8.69 -14.96 0.27
CA ALA A 436 7.90 -14.79 -0.92
C ALA A 436 8.51 -15.59 -2.07
N ILE A 437 7.68 -16.19 -2.91
CA ILE A 437 8.14 -16.96 -4.05
C ILE A 437 7.53 -16.45 -5.37
N ARG A 438 8.38 -16.08 -6.32
CA ARG A 438 7.88 -15.64 -7.61
C ARG A 438 7.60 -16.86 -8.49
N VAL A 439 6.35 -17.33 -8.47
CA VAL A 439 5.91 -18.46 -9.29
C VAL A 439 6.22 -18.16 -10.76
N PRO A 440 6.97 -19.08 -11.42
CA PRO A 440 7.41 -18.78 -12.79
C PRO A 440 6.24 -18.56 -13.75
N ALA A 441 6.28 -17.49 -14.51
CA ALA A 441 5.23 -17.24 -15.49
C ALA A 441 5.55 -17.91 -16.81
N THR A 442 5.68 -19.24 -16.78
CA THR A 442 5.97 -20.03 -17.99
C THR A 442 5.10 -21.25 -17.98
N ASP A 443 5.17 -22.06 -19.05
CA ASP A 443 4.55 -23.40 -19.02
C ASP A 443 5.25 -24.20 -17.96
N VAL A 444 4.63 -25.27 -17.51
CA VAL A 444 5.26 -26.01 -16.44
C VAL A 444 6.45 -26.76 -17.01
N ILE A 445 7.64 -26.38 -16.56
CA ILE A 445 8.89 -26.93 -17.03
C ILE A 445 9.48 -27.95 -16.03
N THR A 446 9.80 -29.14 -16.51
CA THR A 446 10.45 -30.17 -15.68
C THR A 446 11.96 -29.86 -15.51
N CYS A 447 12.45 -29.96 -14.28
CA CYS A 447 13.83 -29.57 -13.99
C CYS A 447 14.82 -30.61 -14.57
N GLY A 448 14.46 -31.88 -14.47
CA GLY A 448 15.30 -32.93 -15.00
C GLY A 448 16.58 -33.27 -14.23
N GLU A 449 16.97 -32.40 -13.30
CA GLU A 449 18.07 -32.75 -12.41
C GLU A 449 17.62 -32.50 -10.98
N PRO A 450 18.06 -33.37 -10.04
CA PRO A 450 17.61 -33.25 -8.64
C PRO A 450 17.90 -31.86 -8.09
N VAL A 451 17.00 -31.36 -7.26
CA VAL A 451 17.13 -29.95 -6.86
C VAL A 451 17.39 -29.90 -5.36
N GLU A 452 18.14 -28.87 -4.93
CA GLU A 452 18.39 -28.63 -3.51
C GLU A 452 17.06 -28.47 -2.77
N THR A 453 16.97 -29.00 -1.55
CA THR A 453 15.71 -28.96 -0.82
C THR A 453 15.75 -28.01 0.38
N ASP A 454 16.92 -27.48 0.66
CA ASP A 454 17.11 -26.56 1.78
C ASP A 454 17.64 -25.20 1.32
N TYR A 455 16.88 -24.13 1.55
CA TYR A 455 17.32 -22.85 1.03
C TYR A 455 17.76 -21.88 2.12
N SER A 456 18.12 -22.42 3.28
CA SER A 456 18.40 -21.66 4.50
C SER A 456 19.66 -20.81 4.49
N VAL A 457 20.70 -21.21 3.75
CA VAL A 457 21.84 -20.32 3.58
C VAL A 457 21.47 -19.34 2.48
N LEU A 458 21.19 -18.09 2.85
CA LEU A 458 20.67 -17.13 1.88
C LEU A 458 21.72 -16.65 0.88
N ASN A 459 21.25 -16.22 -0.28
CA ASN A 459 22.05 -15.53 -1.29
C ASN A 459 23.20 -16.38 -1.85
N ARG A 460 22.96 -17.68 -2.04
CA ARG A 460 23.83 -18.54 -2.85
C ARG A 460 23.29 -18.72 -4.27
N TYR A 461 23.94 -18.12 -5.27
CA TYR A 461 23.54 -18.37 -6.66
C TYR A 461 24.07 -19.72 -7.13
N LYS A 462 23.34 -20.38 -8.03
CA LYS A 462 23.74 -21.74 -8.49
C LYS A 462 24.37 -21.70 -9.88
N VAL A 463 25.68 -21.93 -9.99
CA VAL A 463 26.31 -22.03 -11.31
C VAL A 463 25.80 -23.30 -11.99
N THR A 464 25.25 -23.17 -13.19
CA THR A 464 24.74 -24.35 -13.89
C THR A 464 25.60 -24.66 -15.11
N HIS A 465 26.52 -23.76 -15.44
CA HIS A 465 27.53 -24.04 -16.45
C HIS A 465 28.76 -23.18 -16.21
N ARG A 466 29.92 -23.83 -16.04
CA ARG A 466 31.17 -23.08 -15.86
C ARG A 466 31.62 -22.62 -17.22
N GLY A 467 31.97 -21.35 -17.33
CA GLY A 467 32.39 -20.81 -18.60
C GLY A 467 33.46 -19.79 -18.39
N ALA A 468 33.54 -18.80 -19.27
CA ALA A 468 34.54 -17.75 -19.12
C ALA A 468 34.13 -16.55 -19.97
N LYS A 469 34.83 -15.42 -19.75
CA LYS A 469 34.66 -14.17 -20.51
C LYS A 469 33.36 -13.42 -20.17
N VAL A 470 32.24 -14.13 -20.28
CA VAL A 470 30.94 -13.54 -20.00
C VAL A 470 30.13 -14.44 -19.06
N ALA A 471 29.50 -13.83 -18.05
CA ALA A 471 28.62 -14.56 -17.16
C ALA A 471 27.18 -14.04 -17.25
N ILE A 472 26.23 -14.96 -17.26
CA ILE A 472 24.82 -14.64 -17.44
C ILE A 472 24.04 -15.01 -16.20
N LEU A 473 23.44 -14.01 -15.55
CA LEU A 473 22.56 -14.29 -14.42
C LEU A 473 21.12 -14.23 -14.94
N ALA A 474 20.55 -15.41 -15.20
CA ALA A 474 19.23 -15.51 -15.81
C ALA A 474 18.17 -15.85 -14.74
N LEU A 475 17.42 -14.85 -14.32
CA LEU A 475 16.54 -15.01 -13.16
C LEU A 475 15.17 -15.61 -13.52
N GLY A 476 14.71 -16.54 -12.69
CA GLY A 476 13.35 -17.05 -12.78
C GLY A 476 12.87 -17.53 -14.14
N SER A 477 11.77 -16.93 -14.59
CA SER A 477 11.16 -17.24 -15.89
C SER A 477 12.11 -16.93 -17.07
N PHE A 478 13.14 -16.12 -16.82
CA PHE A 478 14.09 -15.75 -17.85
C PHE A 478 15.33 -16.64 -17.85
N TYR A 479 15.21 -17.79 -17.20
CA TYR A 479 16.28 -18.76 -17.25
C TYR A 479 16.36 -19.31 -18.67
N GLY A 480 15.21 -19.68 -19.23
CA GLY A 480 15.15 -20.18 -20.59
C GLY A 480 15.85 -19.24 -21.54
N LEU A 481 15.64 -17.94 -21.33
CA LEU A 481 16.26 -16.94 -22.18
C LEU A 481 17.78 -16.91 -22.03
N GLY A 482 18.27 -17.08 -20.80
CA GLY A 482 19.70 -17.09 -20.55
C GLY A 482 20.36 -18.26 -21.22
N GLN A 483 19.62 -19.36 -21.30
CA GLN A 483 20.05 -20.58 -21.96
C GLN A 483 20.22 -20.40 -23.47
N SER A 484 19.24 -19.73 -24.10
CA SER A 484 19.25 -19.45 -25.54
C SER A 484 20.37 -18.46 -25.87
N VAL A 485 20.61 -17.51 -24.96
CA VAL A 485 21.67 -16.53 -25.13
C VAL A 485 23.01 -17.22 -25.07
N ALA A 486 23.08 -18.30 -24.28
CA ALA A 486 24.30 -19.08 -24.14
C ALA A 486 24.66 -19.74 -25.46
N SER A 487 23.69 -20.46 -26.03
CA SER A 487 23.83 -21.09 -27.34
C SER A 487 24.25 -20.10 -28.40
N LEU A 488 23.47 -19.03 -28.57
CA LEU A 488 23.72 -18.08 -29.64
C LEU A 488 25.03 -17.32 -29.41
N LEU A 489 25.44 -17.12 -28.16
CA LEU A 489 26.76 -16.55 -27.87
C LEU A 489 27.88 -17.48 -28.35
N LYS A 490 27.63 -18.78 -28.30
CA LYS A 490 28.62 -19.79 -28.63
C LYS A 490 28.74 -19.96 -30.15
N GLU A 491 27.61 -20.06 -30.80
CA GLU A 491 27.55 -20.30 -32.25
C GLU A 491 27.95 -19.11 -33.10
N LYS A 492 27.82 -17.90 -32.58
CA LYS A 492 28.12 -16.71 -33.36
C LYS A 492 29.38 -15.96 -32.96
N ALA A 493 29.81 -16.12 -31.71
CA ALA A 493 31.00 -15.42 -31.26
C ALA A 493 31.96 -16.33 -30.59
N ASN A 494 31.61 -17.61 -30.51
CA ASN A 494 32.45 -18.61 -29.87
C ASN A 494 32.88 -18.14 -28.49
N ILE A 495 31.93 -17.64 -27.71
CA ILE A 495 32.17 -17.46 -26.29
C ILE A 495 31.36 -18.56 -25.59
N ASP A 496 32.04 -19.28 -24.69
CA ASP A 496 31.44 -20.27 -23.80
C ASP A 496 31.17 -19.56 -22.47
N ALA A 497 29.94 -19.10 -22.29
CA ALA A 497 29.57 -18.26 -21.14
C ALA A 497 29.22 -19.05 -19.89
N THR A 498 29.58 -18.50 -18.73
CA THR A 498 29.08 -19.02 -17.46
C THR A 498 27.58 -18.68 -17.34
N LEU A 499 26.77 -19.69 -17.03
CA LEU A 499 25.34 -19.50 -16.85
C LEU A 499 24.98 -19.73 -15.39
N ILE A 500 24.22 -18.80 -14.79
CA ILE A 500 23.95 -18.81 -13.36
C ILE A 500 22.46 -18.73 -13.04
N ASN A 501 21.96 -19.65 -12.23
CA ASN A 501 20.60 -19.57 -11.66
C ASN A 501 20.64 -18.89 -10.29
N PRO A 502 20.19 -17.64 -10.22
CA PRO A 502 20.45 -16.84 -9.00
C PRO A 502 19.60 -17.23 -7.78
N ARG A 503 18.33 -17.61 -7.99
CA ARG A 503 17.42 -18.08 -6.94
C ARG A 503 16.98 -16.99 -5.95
N TYR A 504 17.94 -16.23 -5.42
CA TYR A 504 17.65 -15.23 -4.40
C TYR A 504 17.55 -13.86 -5.04
N ILE A 505 16.34 -13.29 -5.03
CA ILE A 505 16.13 -11.97 -5.62
C ILE A 505 16.60 -10.89 -4.65
N THR A 506 16.58 -11.25 -3.37
CA THR A 506 16.72 -10.33 -2.24
C THR A 506 18.14 -10.14 -1.76
N GLY A 507 19.11 -10.67 -2.49
CA GLY A 507 20.49 -10.44 -2.10
C GLY A 507 21.47 -10.82 -3.17
N VAL A 508 22.74 -10.55 -2.88
CA VAL A 508 23.85 -10.78 -3.79
C VAL A 508 24.85 -11.82 -3.26
N ASP A 509 25.17 -12.79 -4.11
CA ASP A 509 26.22 -13.77 -3.83
C ASP A 509 27.59 -13.09 -3.93
N ASN A 510 28.01 -12.39 -2.88
CA ASN A 510 29.29 -11.65 -2.88
C ASN A 510 30.49 -12.52 -3.29
N GLU A 511 30.56 -13.73 -2.76
CA GLU A 511 31.73 -14.56 -2.96
C GLU A 511 31.82 -15.06 -4.41
N LEU A 512 30.72 -15.53 -4.98
CA LEU A 512 30.73 -15.95 -6.38
C LEU A 512 31.05 -14.77 -7.31
N MET A 513 30.50 -13.61 -7.00
CA MET A 513 30.67 -12.39 -7.80
C MET A 513 32.14 -12.03 -7.86
N ASP A 514 32.83 -12.32 -6.76
CA ASP A 514 34.26 -12.11 -6.63
C ASP A 514 35.03 -13.14 -7.46
N GLU A 515 34.59 -14.38 -7.41
CA GLU A 515 35.26 -15.46 -8.13
C GLU A 515 35.18 -15.23 -9.64
N LEU A 516 34.12 -14.56 -10.08
CA LEU A 516 33.92 -14.28 -11.51
C LEU A 516 34.92 -13.26 -12.06
N LYS A 517 35.51 -12.45 -11.19
CA LYS A 517 36.46 -11.43 -11.62
C LYS A 517 37.68 -12.04 -12.33
N ALA A 518 37.95 -13.31 -12.04
CA ALA A 518 39.14 -13.98 -12.55
C ALA A 518 39.09 -14.24 -14.06
N ASP A 519 38.04 -14.92 -14.51
CA ASP A 519 37.97 -15.35 -15.92
C ASP A 519 36.77 -14.75 -16.66
N HIS A 520 36.36 -13.57 -16.25
CA HIS A 520 35.22 -12.89 -16.88
C HIS A 520 35.45 -11.39 -16.83
N GLU A 521 34.95 -10.69 -17.85
CA GLU A 521 35.07 -9.24 -17.87
C GLU A 521 33.70 -8.58 -17.96
N LEU A 522 32.68 -9.37 -18.29
CA LEU A 522 31.33 -8.86 -18.42
C LEU A 522 30.34 -9.77 -17.73
N VAL A 523 29.49 -9.18 -16.89
CA VAL A 523 28.35 -9.90 -16.32
C VAL A 523 27.07 -9.23 -16.77
N ILE A 524 26.10 -10.04 -17.20
CA ILE A 524 24.79 -9.51 -17.54
C ILE A 524 23.70 -10.19 -16.72
N THR A 525 22.62 -9.45 -16.52
CA THR A 525 21.47 -9.91 -15.76
C THR A 525 20.22 -9.84 -16.62
N LEU A 526 19.38 -10.86 -16.53
CA LEU A 526 18.11 -10.85 -17.22
C LEU A 526 17.01 -10.98 -16.19
N GLU A 527 16.10 -10.01 -16.17
CA GLU A 527 14.94 -10.14 -15.30
C GLU A 527 13.63 -9.80 -16.02
N ASP A 528 12.59 -10.56 -15.68
CA ASP A 528 11.27 -10.47 -16.32
C ASP A 528 10.41 -9.46 -15.56
N GLY A 529 10.77 -8.19 -15.68
CA GLY A 529 10.08 -7.14 -14.97
C GLY A 529 10.79 -5.82 -15.16
N VAL A 530 10.31 -4.78 -14.50
CA VAL A 530 10.89 -3.45 -14.73
C VAL A 530 12.26 -3.39 -14.07
N LEU A 531 13.16 -2.61 -14.66
CA LEU A 531 14.54 -2.50 -14.20
C LEU A 531 14.72 -1.62 -12.96
N ASP A 532 14.03 -0.49 -12.90
CA ASP A 532 14.23 0.45 -11.80
C ASP A 532 13.81 -0.12 -10.45
N GLY A 533 14.78 -0.32 -9.57
CA GLY A 533 14.58 -0.98 -8.28
C GLY A 533 14.65 -2.52 -8.31
N GLY A 534 14.90 -3.09 -9.48
CA GLY A 534 14.98 -4.53 -9.61
C GLY A 534 16.36 -5.15 -9.36
N PHE A 535 16.45 -6.43 -9.63
CA PHE A 535 17.59 -7.30 -9.30
C PHE A 535 18.92 -6.86 -9.92
N GLY A 536 18.90 -6.53 -11.20
CA GLY A 536 20.12 -6.21 -11.92
C GLY A 536 20.90 -5.01 -11.39
N GLU A 537 20.18 -4.05 -10.83
CA GLU A 537 20.85 -2.85 -10.35
C GLU A 537 21.77 -3.14 -9.17
N LYS A 538 21.46 -4.18 -8.40
CA LYS A 538 22.31 -4.54 -7.27
C LYS A 538 23.65 -5.06 -7.78
N ILE A 539 23.59 -5.77 -8.90
CA ILE A 539 24.78 -6.31 -9.54
C ILE A 539 25.64 -5.17 -10.08
N ALA A 540 24.99 -4.18 -10.68
CA ALA A 540 25.71 -3.00 -11.15
C ALA A 540 26.37 -2.32 -9.97
N ARG A 541 25.62 -2.14 -8.87
CA ARG A 541 26.19 -1.48 -7.70
C ARG A 541 27.38 -2.27 -7.12
N TYR A 542 27.26 -3.59 -7.04
CA TYR A 542 28.34 -4.40 -6.44
C TYR A 542 29.67 -4.25 -7.19
N TYR A 543 29.61 -4.13 -8.51
CA TYR A 543 30.79 -4.07 -9.35
C TYR A 543 31.21 -2.65 -9.68
N GLY A 544 30.54 -1.69 -9.05
CA GLY A 544 30.67 -0.28 -9.39
C GLY A 544 32.07 0.32 -9.32
N ALA A 545 32.89 -0.23 -8.42
CA ALA A 545 34.24 0.30 -8.24
C ALA A 545 35.27 -0.68 -8.81
N THR A 546 34.80 -1.76 -9.40
CA THR A 546 35.68 -2.79 -9.94
C THR A 546 35.82 -2.67 -11.45
N ASN A 547 36.64 -3.54 -12.05
CA ASN A 547 36.85 -3.47 -13.48
C ASN A 547 35.92 -4.42 -14.23
N MET A 548 35.00 -5.03 -13.50
CA MET A 548 33.96 -5.85 -14.13
C MET A 548 32.91 -4.96 -14.79
N LYS A 549 32.59 -5.24 -16.04
CA LYS A 549 31.52 -4.52 -16.69
C LYS A 549 30.20 -5.26 -16.56
N VAL A 550 29.10 -4.49 -16.52
CA VAL A 550 27.76 -5.04 -16.29
C VAL A 550 26.75 -4.43 -17.26
N LEU A 551 25.89 -5.29 -17.82
CA LEU A 551 24.70 -4.86 -18.53
C LEU A 551 23.46 -5.38 -17.80
N ASN A 552 22.43 -4.55 -17.68
CA ASN A 552 21.17 -4.97 -17.06
C ASN A 552 20.05 -4.98 -18.08
N PHE A 553 19.36 -6.12 -18.20
CA PHE A 553 18.26 -6.25 -19.12
C PHE A 553 16.92 -6.47 -18.41
N GLY A 554 15.92 -5.70 -18.83
CA GLY A 554 14.56 -5.76 -18.29
C GLY A 554 13.67 -4.73 -18.98
N ALA A 555 12.54 -4.42 -18.37
CA ALA A 555 11.64 -3.41 -18.93
C ALA A 555 11.97 -2.01 -18.41
N LYS A 556 11.88 -1.05 -19.30
CA LYS A 556 12.08 0.34 -18.97
C LYS A 556 10.96 0.80 -18.02
N LYS A 557 11.19 1.88 -17.29
CA LYS A 557 10.21 2.42 -16.36
C LYS A 557 9.10 3.17 -17.08
N GLU A 558 8.15 2.45 -17.68
CA GLU A 558 7.15 3.14 -18.50
C GLU A 558 5.86 2.38 -18.59
N PHE A 559 4.75 3.10 -18.55
CA PHE A 559 3.46 2.45 -18.75
C PHE A 559 3.21 2.17 -20.23
N VAL A 560 2.69 0.99 -20.50
CA VAL A 560 2.32 0.52 -21.83
C VAL A 560 0.95 -0.17 -21.72
N ASP A 561 0.18 -0.23 -22.81
CA ASP A 561 -1.21 -0.68 -22.73
C ASP A 561 -1.68 -1.39 -24.03
N ARG A 562 -2.15 -2.63 -23.90
CA ARG A 562 -2.57 -3.47 -25.03
C ARG A 562 -1.51 -3.47 -26.13
N TYR A 563 -0.27 -3.78 -25.72
CA TYR A 563 0.88 -3.74 -26.61
C TYR A 563 1.17 -5.09 -27.29
N ASP A 564 1.94 -5.04 -28.38
CA ASP A 564 2.43 -6.27 -29.00
C ASP A 564 3.68 -6.74 -28.27
N ILE A 565 3.64 -7.98 -27.79
CA ILE A 565 4.68 -8.47 -26.91
C ILE A 565 6.01 -8.61 -27.64
N GLN A 566 5.97 -9.06 -28.90
CA GLN A 566 7.19 -9.14 -29.70
C GLN A 566 7.88 -7.80 -29.76
N GLU A 567 7.14 -6.76 -30.16
CA GLU A 567 7.67 -5.40 -30.05
C GLU A 567 8.32 -5.04 -28.75
N PHE A 568 7.54 -5.21 -27.68
CA PHE A 568 7.93 -4.72 -26.39
C PHE A 568 9.22 -5.36 -25.95
N LEU A 569 9.33 -6.66 -26.23
CA LEU A 569 10.57 -7.36 -25.95
C LEU A 569 11.72 -6.76 -26.75
N ARG A 570 11.53 -6.66 -28.07
CA ARG A 570 12.55 -6.11 -28.96
C ARG A 570 12.92 -4.69 -28.54
N ALA A 571 11.89 -3.91 -28.19
CA ALA A 571 12.09 -2.52 -27.79
C ALA A 571 12.97 -2.43 -26.55
N ASN A 572 12.97 -3.49 -25.75
CA ASN A 572 13.76 -3.55 -24.53
C ASN A 572 14.98 -4.46 -24.68
N HIS A 573 15.26 -4.88 -25.92
CA HIS A 573 16.41 -5.76 -26.26
C HIS A 573 16.30 -7.16 -25.64
N LEU A 574 15.09 -7.62 -25.39
CA LEU A 574 14.93 -8.90 -24.71
C LEU A 574 14.77 -10.08 -25.68
N THR A 575 15.66 -10.16 -26.65
CA THR A 575 15.68 -11.27 -27.60
C THR A 575 17.09 -11.80 -27.66
N ASP A 576 17.28 -13.05 -28.05
CA ASP A 576 18.61 -13.61 -27.98
C ASP A 576 19.60 -12.88 -28.86
N GLU A 577 19.25 -12.52 -30.09
CA GLU A 577 20.28 -11.83 -30.89
C GLU A 577 20.48 -10.37 -30.54
N GLN A 578 19.54 -9.75 -29.86
CA GLN A 578 19.75 -8.37 -29.43
C GLN A 578 20.71 -8.39 -28.24
N ILE A 579 20.57 -9.39 -27.38
CA ILE A 579 21.41 -9.50 -26.20
C ILE A 579 22.86 -9.82 -26.62
N VAL A 580 23.03 -10.79 -27.52
CA VAL A 580 24.38 -11.20 -27.95
C VAL A 580 25.05 -10.04 -28.67
N GLU A 581 24.28 -9.27 -29.43
CA GLU A 581 24.77 -8.11 -30.15
C GLU A 581 25.33 -7.08 -29.19
N ASP A 582 24.60 -6.87 -28.09
CA ASP A 582 25.00 -5.87 -27.09
C ASP A 582 26.27 -6.29 -26.36
N ILE A 583 26.35 -7.58 -26.04
CA ILE A 583 27.55 -8.15 -25.42
C ILE A 583 28.79 -7.90 -26.29
N THR A 584 28.71 -8.31 -27.56
CA THR A 584 29.83 -8.15 -28.50
C THR A 584 30.17 -6.68 -28.72
N ALA A 585 29.15 -5.82 -28.79
CA ALA A 585 29.38 -4.38 -28.89
C ALA A 585 30.19 -3.83 -27.71
N VAL A 586 30.04 -4.46 -26.55
CA VAL A 586 30.75 -4.03 -25.34
C VAL A 586 32.13 -4.67 -25.29
N ILE A 587 32.19 -5.94 -25.68
CA ILE A 587 33.45 -6.68 -25.71
C ILE A 587 34.32 -6.22 -26.88
N GLY A 588 33.77 -6.27 -28.09
CA GLY A 588 34.50 -5.95 -29.29
C GLY A 588 34.62 -7.18 -30.15
N MET B 4 3.88 1.15 48.19
CA MET B 4 3.38 1.28 46.83
C MET B 4 3.04 -0.10 46.28
N TYR B 5 1.80 -0.29 45.85
CA TYR B 5 1.34 -1.55 45.24
C TYR B 5 2.03 -1.91 43.91
N LEU B 6 2.37 -0.87 43.15
CA LEU B 6 2.96 -1.00 41.81
C LEU B 6 4.34 -1.64 41.83
N GLU B 7 5.09 -1.46 42.92
CA GLU B 7 6.42 -2.05 43.02
C GLU B 7 6.34 -3.56 43.21
N ASN B 8 5.14 -4.09 43.45
CA ASN B 8 4.99 -5.52 43.64
C ASN B 8 4.23 -6.20 42.49
N ILE B 9 4.13 -5.52 41.35
CA ILE B 9 3.49 -6.10 40.17
C ILE B 9 4.54 -6.69 39.22
N TYR B 10 4.60 -8.02 39.11
CA TYR B 10 5.52 -8.59 38.12
C TYR B 10 4.77 -9.22 36.95
N SER B 11 3.47 -9.45 37.14
CA SER B 11 2.66 -10.04 36.08
C SER B 11 1.20 -9.76 36.41
N PRO B 12 0.29 -10.10 35.49
CA PRO B 12 -1.14 -9.98 35.81
C PRO B 12 -1.58 -10.81 37.00
N ALA B 13 -0.84 -11.86 37.35
CA ALA B 13 -1.17 -12.63 38.55
C ALA B 13 -1.14 -11.69 39.76
N ASP B 14 -0.16 -10.81 39.81
CA ASP B 14 -0.03 -9.88 40.92
C ASP B 14 -1.18 -8.86 40.91
N VAL B 15 -1.69 -8.53 39.72
CA VAL B 15 -2.81 -7.58 39.59
C VAL B 15 -4.11 -8.18 40.16
N LYS B 16 -4.30 -9.48 39.97
CA LYS B 16 -5.50 -10.18 40.41
C LYS B 16 -5.57 -10.29 41.95
N LYS B 17 -4.47 -10.00 42.63
CA LYS B 17 -4.46 -10.10 44.09
C LYS B 17 -5.15 -8.93 44.78
N LEU B 18 -5.31 -7.81 44.08
CA LEU B 18 -5.79 -6.61 44.75
C LEU B 18 -7.31 -6.48 44.77
N SER B 19 -7.81 -5.76 45.77
CA SER B 19 -9.21 -5.39 45.89
C SER B 19 -9.49 -4.10 45.12
N VAL B 20 -10.75 -3.72 45.04
CA VAL B 20 -11.13 -2.58 44.23
C VAL B 20 -10.47 -1.31 44.74
N LYS B 21 -10.49 -1.12 46.05
CA LYS B 21 -9.82 0.03 46.66
C LYS B 21 -8.32 0.06 46.34
N GLU B 22 -7.69 -1.11 46.29
CA GLU B 22 -6.25 -1.16 46.05
C GLU B 22 -5.95 -0.95 44.57
N LEU B 23 -6.90 -1.38 43.72
CA LEU B 23 -6.80 -1.16 42.27
C LEU B 23 -6.86 0.32 41.90
N ASN B 24 -7.70 1.04 42.62
CA ASN B 24 -7.88 2.47 42.43
C ASN B 24 -6.66 3.24 42.92
N GLU B 25 -6.07 2.77 44.01
CA GLU B 25 -4.84 3.36 44.55
C GLU B 25 -3.72 3.12 43.55
N LEU B 26 -3.71 1.91 42.98
CA LEU B 26 -2.75 1.54 41.94
C LEU B 26 -2.88 2.46 40.71
N SER B 27 -4.11 2.77 40.31
CA SER B 27 -4.33 3.76 39.25
C SER B 27 -3.64 5.08 39.57
N ASP B 28 -3.71 5.47 40.84
CA ASP B 28 -3.13 6.73 41.28
C ASP B 28 -1.62 6.66 41.21
N GLU B 29 -1.04 5.54 41.63
CA GLU B 29 0.40 5.39 41.62
C GLU B 29 0.94 5.45 40.19
N ILE B 30 0.26 4.74 39.30
CA ILE B 30 0.65 4.73 37.88
C ILE B 30 0.67 6.17 37.32
N ARG B 31 -0.40 6.94 37.52
CA ARG B 31 -0.42 8.34 37.03
C ARG B 31 0.71 9.17 37.63
N VAL B 32 0.97 9.03 38.94
CA VAL B 32 2.10 9.74 39.57
C VAL B 32 3.42 9.33 38.90
N SER B 33 3.64 8.04 38.78
CA SER B 33 4.86 7.54 38.18
C SER B 33 4.96 8.00 36.72
N LEU B 34 3.85 7.93 35.98
CA LEU B 34 3.81 8.40 34.59
C LEU B 34 4.12 9.89 34.47
N LEU B 35 3.54 10.71 35.35
CA LEU B 35 3.76 12.15 35.27
C LEU B 35 5.26 12.44 35.37
N GLN B 36 5.94 11.74 36.26
CA GLN B 36 7.37 11.91 36.42
C GLN B 36 8.15 11.46 35.17
N LYS B 37 7.87 10.25 34.67
CA LYS B 37 8.61 9.75 33.52
C LYS B 37 8.37 10.63 32.30
N LEU B 38 7.11 11.00 32.07
CA LEU B 38 6.80 11.73 30.85
C LEU B 38 7.25 13.20 30.90
N SER B 39 7.23 13.82 32.08
CA SER B 39 7.70 15.20 32.18
C SER B 39 9.22 15.26 32.10
N GLU B 40 9.88 14.21 32.56
CA GLU B 40 11.34 14.16 32.56
C GLU B 40 11.89 13.72 31.21
N HIS B 41 11.16 12.81 30.55
CA HIS B 41 11.68 12.01 29.45
C HIS B 41 10.85 12.16 28.15
N GLY B 42 9.73 12.86 28.25
CA GLY B 42 8.85 13.05 27.11
C GLY B 42 8.05 11.80 26.82
N GLY B 43 7.20 11.85 25.79
CA GLY B 43 6.46 10.68 25.34
C GLY B 43 4.98 10.90 25.10
N HIS B 44 4.25 9.82 24.84
CA HIS B 44 2.84 9.95 24.53
C HIS B 44 2.03 10.12 25.82
N PHE B 45 1.86 11.37 26.24
CA PHE B 45 1.20 11.68 27.51
C PHE B 45 -0.30 11.34 27.52
N GLY B 46 -1.06 12.03 26.68
CA GLY B 46 -2.51 11.85 26.70
C GLY B 46 -3.07 10.45 26.61
N PRO B 47 -2.62 9.66 25.61
CA PRO B 47 -3.10 8.28 25.40
C PRO B 47 -2.84 7.32 26.57
N ASN B 48 -1.76 7.54 27.31
CA ASN B 48 -1.45 6.59 28.37
C ASN B 48 -2.23 6.93 29.63
N PHE B 49 -2.37 8.22 29.93
CA PHE B 49 -3.21 8.64 31.06
C PHE B 49 -4.68 8.25 30.84
N GLY B 50 -5.09 8.16 29.59
CA GLY B 50 -6.47 7.82 29.30
C GLY B 50 -6.74 6.34 29.45
N MET B 51 -5.66 5.54 29.42
CA MET B 51 -5.76 4.06 29.33
C MET B 51 -5.47 3.30 30.62
N VAL B 52 -5.25 4.03 31.70
CA VAL B 52 -4.80 3.45 32.96
C VAL B 52 -5.79 2.38 33.45
N GLU B 53 -7.05 2.76 33.65
CA GLU B 53 -8.05 1.88 34.25
C GLU B 53 -8.41 0.72 33.33
N ALA B 54 -8.43 0.97 32.03
CA ALA B 54 -8.70 -0.10 31.05
C ALA B 54 -7.57 -1.11 30.97
N THR B 55 -6.33 -0.65 31.10
CA THR B 55 -5.20 -1.60 31.10
C THR B 55 -5.17 -2.44 32.41
N ILE B 56 -5.49 -1.81 33.54
CA ILE B 56 -5.56 -2.55 34.81
C ILE B 56 -6.61 -3.68 34.70
N ALA B 57 -7.80 -3.32 34.24
CA ALA B 57 -8.90 -4.26 34.12
C ALA B 57 -8.57 -5.39 33.14
N LEU B 58 -7.87 -5.06 32.05
CA LEU B 58 -7.52 -6.09 31.09
C LEU B 58 -6.67 -7.17 31.76
N HIS B 59 -5.68 -6.76 32.56
CA HIS B 59 -4.79 -7.76 33.16
C HIS B 59 -5.32 -8.29 34.47
N TYR B 60 -6.34 -7.64 35.00
CA TYR B 60 -7.11 -8.19 36.10
C TYR B 60 -7.96 -9.39 35.60
N VAL B 61 -8.65 -9.21 34.47
CA VAL B 61 -9.57 -10.25 33.95
C VAL B 61 -8.87 -11.32 33.08
N PHE B 62 -7.92 -10.92 32.23
CA PHE B 62 -7.36 -11.90 31.30
C PHE B 62 -6.02 -12.44 31.77
N ASN B 63 -5.59 -13.55 31.17
CA ASN B 63 -4.41 -14.26 31.65
C ASN B 63 -3.28 -14.24 30.59
N SER B 64 -2.73 -13.04 30.36
CA SER B 64 -1.54 -12.85 29.52
C SER B 64 -0.40 -13.61 30.18
N PRO B 65 0.48 -14.26 29.39
CA PRO B 65 0.62 -14.31 27.93
C PRO B 65 -0.07 -15.50 27.23
N LYS B 66 -0.85 -16.31 27.96
CA LYS B 66 -1.70 -17.31 27.31
C LYS B 66 -2.81 -16.69 26.46
N ASP B 67 -3.63 -15.84 27.10
CA ASP B 67 -4.44 -14.83 26.44
C ASP B 67 -3.49 -13.78 25.81
N LYS B 68 -3.87 -13.20 24.68
CA LYS B 68 -2.99 -12.27 23.99
C LYS B 68 -3.69 -10.95 23.66
N ILE B 69 -3.02 -9.83 23.98
CA ILE B 69 -3.52 -8.46 23.76
C ILE B 69 -2.69 -7.78 22.70
N VAL B 70 -3.31 -7.18 21.69
CA VAL B 70 -2.56 -6.44 20.67
C VAL B 70 -3.01 -4.98 20.64
N PHE B 71 -2.09 -4.04 20.80
CA PHE B 71 -2.47 -2.62 20.80
C PHE B 71 -2.25 -1.99 19.43
N ASP B 72 -3.29 -1.32 18.95
CA ASP B 72 -3.18 -0.57 17.70
C ASP B 72 -2.23 0.61 17.89
N VAL B 73 -1.20 0.69 17.02
CA VAL B 73 -0.10 1.65 17.15
C VAL B 73 0.81 1.25 18.31
N SER B 74 0.20 1.07 19.47
CA SER B 74 0.83 0.72 20.77
C SER B 74 1.54 1.92 21.44
N HIS B 75 1.31 3.12 20.91
CA HIS B 75 1.71 4.36 21.62
C HIS B 75 1.08 4.43 23.01
N GLN B 76 -0.02 3.70 23.21
CA GLN B 76 -0.75 3.74 24.46
C GLN B 76 -0.57 2.45 25.27
N SER B 77 0.62 1.84 25.21
CA SER B 77 0.84 0.59 25.94
C SER B 77 1.81 0.70 27.13
N TYR B 78 2.03 1.92 27.64
CA TYR B 78 2.97 2.10 28.77
C TYR B 78 2.50 1.38 30.04
N VAL B 79 1.20 1.48 30.34
CA VAL B 79 0.66 0.80 31.52
C VAL B 79 0.74 -0.72 31.33
N HIS B 80 0.51 -1.19 30.10
CA HIS B 80 0.68 -2.59 29.77
C HIS B 80 2.05 -3.04 30.25
N LYS B 81 3.08 -2.28 29.87
CA LYS B 81 4.45 -2.64 30.26
C LYS B 81 4.62 -2.55 31.78
N MET B 82 4.01 -1.54 32.39
CA MET B 82 4.12 -1.34 33.83
C MET B 82 3.48 -2.48 34.62
N LEU B 83 2.57 -3.22 33.98
CA LEU B 83 1.84 -4.28 34.70
C LEU B 83 2.25 -5.69 34.27
N THR B 84 3.21 -5.76 33.36
CA THR B 84 3.59 -7.07 32.86
C THR B 84 5.06 -7.37 33.15
N GLY B 85 5.70 -6.54 33.96
CA GLY B 85 7.05 -6.84 34.45
C GLY B 85 8.13 -5.80 34.24
N ARG B 86 7.80 -4.71 33.58
CA ARG B 86 8.80 -3.73 33.20
C ARG B 86 8.61 -2.42 33.96
N LYS B 87 8.03 -2.51 35.16
CA LYS B 87 7.75 -1.34 35.99
C LYS B 87 8.98 -0.48 36.31
N ASN B 88 10.14 -1.11 36.49
CA ASN B 88 11.35 -0.36 36.85
C ASN B 88 11.78 0.60 35.74
N ALA B 89 11.41 0.31 34.49
CA ALA B 89 11.67 1.26 33.39
C ALA B 89 10.77 2.52 33.51
N PHE B 90 9.87 2.52 34.48
CA PHE B 90 8.98 3.65 34.76
C PHE B 90 9.16 4.22 36.18
N LEU B 91 9.81 3.49 37.09
CA LEU B 91 10.07 4.03 38.43
C LEU B 91 11.50 4.58 38.63
N HIS B 92 12.49 4.02 37.94
CA HIS B 92 13.89 4.48 38.09
C HIS B 92 14.37 5.19 36.82
N PRO B 93 14.68 6.49 36.94
CA PRO B 93 15.17 7.34 35.83
C PRO B 93 16.35 6.74 35.04
N GLU B 94 17.24 6.04 35.74
CA GLU B 94 18.39 5.43 35.09
C GLU B 94 17.98 4.32 34.12
N GLU B 95 16.74 3.84 34.22
CA GLU B 95 16.29 2.72 33.40
C GLU B 95 15.19 3.13 32.43
N TYR B 96 14.93 4.44 32.37
CA TYR B 96 13.89 5.03 31.52
C TYR B 96 14.02 4.53 30.07
N ASP B 97 15.26 4.37 29.61
CA ASP B 97 15.47 4.01 28.22
C ASP B 97 15.59 2.51 28.02
N LEU B 98 15.34 1.72 29.06
CA LEU B 98 15.49 0.28 28.92
C LEU B 98 14.26 -0.35 28.25
N VAL B 99 13.27 0.48 27.92
CA VAL B 99 12.12 0.03 27.12
C VAL B 99 11.90 1.01 25.98
N SER B 100 11.43 0.53 24.84
CA SER B 100 11.01 1.45 23.79
C SER B 100 9.61 2.00 24.09
N GLY B 101 9.11 2.88 23.22
CA GLY B 101 7.81 3.50 23.43
C GLY B 101 6.68 2.76 22.75
N TYR B 102 6.99 1.59 22.22
CA TYR B 102 6.03 0.78 21.50
C TYR B 102 6.22 -0.66 21.95
N THR B 103 5.30 -1.56 21.58
CA THR B 103 5.39 -2.94 22.05
C THR B 103 6.56 -3.62 21.37
N GLU B 104 7.17 -4.54 22.09
CA GLU B 104 8.39 -5.20 21.65
C GLU B 104 8.54 -6.62 22.26
N PRO B 105 8.36 -7.66 21.43
CA PRO B 105 8.46 -9.04 21.90
C PRO B 105 9.84 -9.40 22.53
N GLN B 106 10.92 -8.81 22.03
CA GLN B 106 12.24 -9.02 22.63
C GLN B 106 12.32 -8.53 24.11
N GLU B 107 11.41 -7.64 24.50
CA GLU B 107 11.37 -7.13 25.86
C GLU B 107 10.60 -8.08 26.74
N SER B 108 9.60 -8.74 26.16
CA SER B 108 8.57 -9.40 26.96
C SER B 108 7.71 -10.37 26.14
N GLU B 109 7.41 -11.52 26.72
CA GLU B 109 6.48 -12.44 26.08
C GLU B 109 5.06 -11.86 26.06
N HIS B 110 4.80 -10.82 26.85
CA HIS B 110 3.46 -10.22 26.88
C HIS B 110 3.25 -9.29 25.69
N ASP B 111 4.29 -9.16 24.86
CA ASP B 111 4.25 -8.31 23.69
C ASP B 111 4.33 -9.17 22.42
N PHE B 112 3.30 -9.12 21.57
CA PHE B 112 3.23 -10.08 20.47
C PHE B 112 3.62 -9.53 19.10
N PHE B 113 3.69 -8.21 18.96
CA PHE B 113 4.10 -7.61 17.71
C PHE B 113 4.75 -6.29 18.04
N VAL B 114 5.81 -5.98 17.32
CA VAL B 114 6.33 -4.64 17.23
C VAL B 114 5.34 -3.85 16.43
N ILE B 115 4.77 -2.81 17.01
CA ILE B 115 3.75 -2.02 16.30
C ILE B 115 3.83 -0.49 16.43
N GLY B 116 3.79 0.20 15.29
CA GLY B 116 3.89 1.64 15.27
C GLY B 116 2.84 2.28 14.37
N HIS B 117 2.58 1.70 13.19
CA HIS B 117 1.65 2.35 12.26
C HIS B 117 0.16 2.11 12.69
N THR B 118 -0.79 2.76 12.03
CA THR B 118 -2.19 2.72 12.49
C THR B 118 -3.04 1.60 11.87
N SER B 119 -4.13 1.28 12.54
CA SER B 119 -5.13 0.32 12.10
C SER B 119 -4.67 -1.10 11.76
N THR B 120 -3.75 -1.71 12.50
CA THR B 120 -3.26 -3.04 12.16
C THR B 120 -3.53 -4.07 13.24
N SER B 121 -3.89 -3.56 14.43
CA SER B 121 -4.13 -4.43 15.56
C SER B 121 -5.16 -5.50 15.21
N VAL B 122 -6.28 -5.07 14.65
CA VAL B 122 -7.41 -5.97 14.48
C VAL B 122 -7.03 -7.08 13.53
N SER B 123 -6.39 -6.70 12.41
CA SER B 123 -5.90 -7.69 11.47
C SER B 123 -4.84 -8.66 12.09
N LEU B 124 -3.89 -8.13 12.83
CA LEU B 124 -2.85 -9.00 13.35
C LEU B 124 -3.51 -9.91 14.39
N ALA B 125 -4.36 -9.34 15.24
CA ALA B 125 -5.11 -10.12 16.21
C ALA B 125 -5.96 -11.24 15.58
N THR B 126 -6.67 -10.97 14.47
CA THR B 126 -7.48 -12.04 13.85
C THR B 126 -6.59 -13.18 13.37
N GLY B 127 -5.33 -12.86 13.08
CA GLY B 127 -4.34 -13.84 12.68
C GLY B 127 -4.05 -14.78 13.83
N LEU B 128 -3.77 -14.17 14.99
CA LEU B 128 -3.57 -14.92 16.23
C LEU B 128 -4.73 -15.86 16.46
N ALA B 129 -5.95 -15.35 16.29
CA ALA B 129 -7.16 -16.15 16.57
C ALA B 129 -7.27 -17.31 15.59
N LYS B 130 -7.04 -17.02 14.32
CA LYS B 130 -7.17 -18.03 13.29
C LYS B 130 -6.11 -19.12 13.54
N GLY B 131 -4.96 -18.72 14.04
CA GLY B 131 -3.89 -19.67 14.35
C GLY B 131 -4.24 -20.56 15.53
N ARG B 132 -4.70 -19.92 16.60
CA ARG B 132 -5.31 -20.64 17.70
C ARG B 132 -6.31 -21.67 17.17
N ASP B 133 -7.25 -21.21 16.33
CA ASP B 133 -8.32 -22.08 15.85
C ASP B 133 -7.77 -23.26 15.04
N LEU B 134 -6.73 -23.00 14.27
CA LEU B 134 -6.13 -24.04 13.45
C LEU B 134 -5.40 -25.08 14.28
N THR B 135 -5.06 -24.74 15.51
CA THR B 135 -4.29 -25.63 16.36
C THR B 135 -5.08 -26.01 17.61
N GLY B 136 -6.35 -25.63 17.66
CA GLY B 136 -7.20 -26.03 18.77
C GLY B 136 -6.85 -25.39 20.13
N GLY B 137 -6.29 -24.18 20.12
CA GLY B 137 -6.05 -23.46 21.36
C GLY B 137 -7.37 -23.00 21.92
N ASN B 138 -7.38 -22.43 23.11
CA ASN B 138 -8.63 -21.94 23.64
C ASN B 138 -8.41 -20.66 24.43
N GLU B 139 -7.30 -19.98 24.16
CA GLU B 139 -7.03 -18.70 24.81
C GLU B 139 -7.89 -17.58 24.22
N ASN B 140 -8.08 -16.51 24.99
CA ASN B 140 -8.74 -15.30 24.50
C ASN B 140 -7.80 -14.45 23.67
N ILE B 141 -8.35 -13.84 22.62
CA ILE B 141 -7.61 -12.95 21.75
C ILE B 141 -8.24 -11.55 21.72
N ILE B 142 -7.48 -10.55 22.17
CA ILE B 142 -7.97 -9.17 22.29
C ILE B 142 -7.22 -8.20 21.39
N ALA B 143 -7.95 -7.39 20.62
CA ALA B 143 -7.32 -6.22 19.98
C ALA B 143 -7.82 -4.97 20.66
N VAL B 144 -6.92 -4.01 20.85
CA VAL B 144 -7.29 -2.69 21.37
C VAL B 144 -7.04 -1.64 20.32
N ILE B 145 -8.08 -0.94 19.89
CA ILE B 145 -7.94 0.06 18.82
C ILE B 145 -8.59 1.42 19.16
N GLY B 146 -7.86 2.50 18.90
CA GLY B 146 -8.38 3.85 19.06
C GLY B 146 -9.42 4.23 18.02
N ASP B 147 -10.28 5.19 18.37
CA ASP B 147 -11.34 5.64 17.49
C ASP B 147 -10.77 6.24 16.20
N GLY B 148 -9.63 6.89 16.30
CA GLY B 148 -9.00 7.44 15.10
C GLY B 148 -8.57 6.38 14.11
N SER B 149 -7.96 5.31 14.64
CA SER B 149 -7.46 4.20 13.85
C SER B 149 -8.58 3.48 13.10
N LEU B 150 -9.82 3.66 13.56
CA LEU B 150 -10.97 3.09 12.86
C LEU B 150 -11.17 3.75 11.49
N SER B 151 -10.56 4.91 11.22
CA SER B 151 -10.79 5.55 9.94
C SER B 151 -9.89 4.97 8.87
N GLY B 152 -8.97 4.08 9.25
CA GLY B 152 -8.05 3.49 8.30
C GLY B 152 -8.60 2.22 7.71
N GLY B 153 -8.46 2.03 6.41
CA GLY B 153 -9.06 0.90 5.72
C GLY B 153 -8.62 -0.49 6.16
N GLU B 154 -7.39 -0.63 6.65
CA GLU B 154 -6.96 -1.93 7.20
C GLU B 154 -7.83 -2.36 8.40
N ALA B 155 -8.28 -1.39 9.18
CA ALA B 155 -9.13 -1.68 10.33
C ALA B 155 -10.52 -2.15 9.88
N PHE B 156 -11.01 -1.58 8.79
CA PHE B 156 -12.27 -2.02 8.23
C PHE B 156 -12.21 -3.46 7.72
N GLU B 157 -11.11 -3.80 7.04
CA GLU B 157 -10.94 -5.13 6.48
C GLU B 157 -10.81 -6.15 7.61
N GLY B 158 -10.07 -5.76 8.65
CA GLY B 158 -9.88 -6.61 9.80
C GLY B 158 -11.18 -6.92 10.51
N LEU B 159 -12.01 -5.89 10.72
CA LEU B 159 -13.31 -6.06 11.36
C LEU B 159 -14.19 -6.96 10.53
N ASP B 160 -14.15 -6.74 9.21
CA ASP B 160 -14.94 -7.46 8.22
C ASP B 160 -14.64 -8.95 8.29
N TYR B 161 -13.36 -9.25 8.44
CA TYR B 161 -12.88 -10.62 8.51
C TYR B 161 -13.18 -11.23 9.90
N ALA B 162 -12.89 -10.48 10.95
CA ALA B 162 -13.14 -10.94 12.32
C ALA B 162 -14.59 -11.42 12.49
N ALA B 163 -15.52 -10.70 11.88
CA ALA B 163 -16.94 -11.02 11.96
C ALA B 163 -17.29 -12.38 11.35
N GLU B 164 -16.33 -13.00 10.66
CA GLU B 164 -16.55 -14.33 10.04
C GLU B 164 -15.88 -15.50 10.79
N LEU B 165 -15.09 -15.20 11.82
CA LEU B 165 -14.32 -16.23 12.50
C LEU B 165 -15.22 -17.28 13.16
N GLY B 166 -16.31 -16.85 13.78
CA GLY B 166 -17.21 -17.77 14.48
C GLY B 166 -16.61 -18.32 15.75
N THR B 167 -15.60 -17.63 16.27
CA THR B 167 -14.86 -18.10 17.43
C THR B 167 -14.53 -16.92 18.29
N ASN B 168 -13.81 -17.16 19.37
CA ASN B 168 -13.44 -16.09 20.29
C ASN B 168 -12.68 -14.94 19.61
N MET B 169 -13.17 -13.72 19.81
CA MET B 169 -12.51 -12.51 19.28
C MET B 169 -13.03 -11.27 19.99
N ILE B 170 -12.11 -10.59 20.69
CA ILE B 170 -12.46 -9.45 21.52
C ILE B 170 -11.79 -8.20 20.99
N ILE B 171 -12.61 -7.22 20.62
CA ILE B 171 -12.11 -5.99 20.05
C ILE B 171 -12.46 -4.81 20.95
N ILE B 172 -11.47 -4.26 21.64
CA ILE B 172 -11.71 -3.09 22.48
C ILE B 172 -11.54 -1.79 21.71
N VAL B 173 -12.63 -1.02 21.60
CA VAL B 173 -12.56 0.29 20.98
C VAL B 173 -12.38 1.37 22.06
N ASN B 174 -11.25 2.03 22.03
CA ASN B 174 -10.94 3.06 23.03
C ASN B 174 -11.30 4.44 22.46
N ASP B 175 -12.56 4.82 22.64
CA ASP B 175 -13.13 6.05 22.05
C ASP B 175 -12.93 7.23 23.01
N ASN B 176 -11.93 8.06 22.74
CA ASN B 176 -11.70 9.30 23.50
C ASN B 176 -12.01 10.56 22.65
N GLN B 177 -12.74 10.37 21.55
CA GLN B 177 -13.17 11.45 20.65
C GLN B 177 -12.04 12.33 20.14
N MET B 178 -10.89 11.71 19.90
CA MET B 178 -9.70 12.41 19.39
C MET B 178 -8.84 11.43 18.64
N SER B 179 -8.28 11.90 17.54
CA SER B 179 -7.21 11.21 16.85
C SER B 179 -5.95 11.84 17.43
N ILE B 180 -5.16 12.51 16.61
CA ILE B 180 -4.20 13.48 17.17
C ILE B 180 -4.75 14.90 17.33
N ALA B 181 -5.49 15.28 16.28
CA ALA B 181 -6.30 16.50 16.35
C ALA B 181 -7.71 15.92 16.52
N GLU B 182 -8.74 16.56 15.98
CA GLU B 182 -10.09 15.98 16.07
C GLU B 182 -10.31 14.95 14.94
N ASN B 183 -11.23 14.01 15.15
CA ASN B 183 -11.55 12.98 14.16
C ASN B 183 -12.25 13.57 12.93
N HIS B 184 -12.24 12.83 11.81
CA HIS B 184 -12.87 13.28 10.56
C HIS B 184 -13.35 12.05 9.77
N GLY B 185 -14.61 12.08 9.35
CA GLY B 185 -15.28 10.95 8.75
C GLY B 185 -16.69 10.81 9.34
N GLY B 186 -17.64 10.36 8.53
CA GLY B 186 -19.03 10.26 8.91
C GLY B 186 -19.34 9.18 9.94
N LEU B 187 -18.47 8.17 9.98
CA LEU B 187 -18.52 7.15 11.01
C LEU B 187 -18.51 7.77 12.42
N TYR B 188 -17.76 8.85 12.59
CA TYR B 188 -17.64 9.46 13.91
C TYR B 188 -18.96 10.09 14.39
N ARG B 189 -19.84 10.42 13.47
CA ARG B 189 -21.16 10.85 13.86
C ARG B 189 -21.97 9.67 14.47
N ASN B 190 -21.81 8.46 13.95
CA ASN B 190 -22.47 7.28 14.52
C ASN B 190 -21.90 6.93 15.92
N LEU B 191 -20.59 7.11 16.10
CA LEU B 191 -19.97 6.95 17.40
C LEU B 191 -20.59 7.92 18.42
N LYS B 192 -20.77 9.18 18.04
CA LYS B 192 -21.43 10.15 18.91
C LYS B 192 -22.83 9.64 19.28
N GLU B 193 -23.56 9.12 18.30
CA GLU B 193 -24.89 8.57 18.52
C GLU B 193 -24.79 7.47 19.58
N LEU B 194 -23.82 6.56 19.41
CA LEU B 194 -23.72 5.40 20.29
C LEU B 194 -23.42 5.83 21.72
N ARG B 195 -22.49 6.76 21.87
CA ARG B 195 -22.12 7.27 23.18
C ARG B 195 -23.29 8.02 23.81
N ASP B 196 -23.97 8.85 23.02
CA ASP B 196 -25.08 9.67 23.51
C ASP B 196 -26.30 8.80 23.92
N SER B 197 -26.42 7.64 23.29
CA SER B 197 -27.51 6.72 23.62
C SER B 197 -27.04 5.58 24.53
N ASN B 198 -25.87 5.76 25.16
CA ASN B 198 -25.24 4.72 25.99
C ASN B 198 -25.26 3.32 25.31
N GLY B 199 -24.90 3.28 24.03
CA GLY B 199 -24.76 2.05 23.27
C GLY B 199 -26.04 1.38 22.80
N GLN B 200 -27.17 2.06 22.95
CA GLN B 200 -28.44 1.43 22.66
C GLN B 200 -28.96 1.75 21.25
N CYS B 201 -28.40 2.76 20.60
CA CYS B 201 -28.85 3.22 19.29
C CYS B 201 -28.97 2.08 18.28
N GLU B 202 -30.03 2.05 17.45
CA GLU B 202 -30.30 0.92 16.51
C GLU B 202 -29.21 0.94 15.44
N CYS B 203 -28.86 2.15 15.01
CA CYS B 203 -27.92 2.26 13.91
C CYS B 203 -26.50 2.10 14.42
N ASN B 204 -25.99 0.86 14.32
CA ASN B 204 -24.69 0.53 14.87
C ASN B 204 -23.71 0.02 13.79
N PHE B 205 -22.69 0.82 13.48
CA PHE B 205 -21.64 0.47 12.51
C PHE B 205 -21.04 -0.90 12.79
N PHE B 206 -20.74 -1.17 14.06
CA PHE B 206 -20.14 -2.43 14.47
C PHE B 206 -21.07 -3.63 14.20
N LYS B 207 -22.36 -3.49 14.55
CA LYS B 207 -23.34 -4.55 14.28
C LYS B 207 -23.60 -4.67 12.76
N ALA B 208 -23.56 -3.56 12.04
CA ALA B 208 -23.71 -3.61 10.58
C ALA B 208 -22.58 -4.43 9.94
N MET B 209 -21.43 -4.43 10.60
CA MET B 209 -20.24 -5.19 10.14
C MET B 209 -20.27 -6.67 10.50
N GLY B 210 -21.30 -7.11 11.22
CA GLY B 210 -21.46 -8.52 11.57
C GLY B 210 -21.05 -8.85 12.99
N LEU B 211 -20.85 -7.82 13.81
CA LEU B 211 -20.27 -8.02 15.12
C LEU B 211 -21.24 -7.76 16.27
N ASP B 212 -20.98 -8.46 17.37
CA ASP B 212 -21.70 -8.28 18.64
C ASP B 212 -21.15 -7.02 19.34
N TYR B 213 -21.86 -6.47 20.31
CA TYR B 213 -21.42 -5.19 20.81
C TYR B 213 -21.95 -4.87 22.19
N ILE B 214 -21.10 -4.28 23.04
CA ILE B 214 -21.54 -3.71 24.30
C ILE B 214 -20.79 -2.38 24.50
N TYR B 215 -21.43 -1.48 25.24
CA TYR B 215 -20.87 -0.14 25.48
C TYR B 215 -20.54 0.07 26.96
N VAL B 216 -19.44 0.78 27.22
CA VAL B 216 -19.04 1.08 28.58
C VAL B 216 -18.83 2.58 28.64
N ASN B 217 -19.76 3.29 29.29
CA ASN B 217 -19.76 4.74 29.27
C ASN B 217 -18.66 5.40 30.10
N ASP B 218 -18.27 4.75 31.20
CA ASP B 218 -17.18 5.28 32.00
C ASP B 218 -15.91 4.45 31.80
N GLY B 219 -15.18 4.75 30.73
CA GLY B 219 -13.95 4.05 30.45
C GLY B 219 -12.77 4.34 31.37
N ASN B 220 -12.99 5.15 32.41
CA ASN B 220 -11.93 5.43 33.39
C ASN B 220 -12.34 5.02 34.83
N ASP B 221 -13.21 4.02 34.91
CA ASP B 221 -13.73 3.48 36.16
C ASP B 221 -13.39 1.98 36.22
N VAL B 222 -12.51 1.59 37.12
CA VAL B 222 -11.98 0.22 37.10
C VAL B 222 -13.07 -0.83 37.16
N GLN B 223 -14.09 -0.57 37.99
CA GLN B 223 -15.17 -1.54 38.25
C GLN B 223 -15.97 -1.82 36.98
N ALA B 224 -16.37 -0.74 36.29
CA ALA B 224 -17.10 -0.87 35.02
C ALA B 224 -16.32 -1.70 33.99
N LEU B 225 -15.04 -1.39 33.81
CA LEU B 225 -14.21 -2.15 32.86
C LEU B 225 -14.05 -3.64 33.25
N ILE B 226 -13.78 -3.91 34.53
CA ILE B 226 -13.64 -5.31 34.98
C ILE B 226 -14.90 -6.12 34.67
N GLU B 227 -16.02 -5.45 34.91
CA GLU B 227 -17.37 -5.91 34.60
C GLU B 227 -17.61 -6.32 33.16
N ALA B 228 -17.37 -5.36 32.26
CA ALA B 228 -17.52 -5.59 30.83
C ALA B 228 -16.59 -6.71 30.39
N PHE B 229 -15.32 -6.59 30.77
CA PHE B 229 -14.31 -7.52 30.28
C PHE B 229 -14.60 -8.94 30.78
N SER B 230 -15.15 -9.07 32.00
CA SER B 230 -15.50 -10.38 32.55
C SER B 230 -16.66 -11.03 31.79
N LYS B 231 -17.60 -10.20 31.33
CA LYS B 231 -18.76 -10.72 30.59
C LYS B 231 -18.34 -11.35 29.27
N VAL B 232 -17.35 -10.77 28.61
CA VAL B 232 -16.91 -11.27 27.31
C VAL B 232 -15.78 -12.29 27.42
N LYS B 233 -15.23 -12.45 28.63
CA LYS B 233 -14.15 -13.43 28.81
C LYS B 233 -14.61 -14.81 28.37
N ASP B 234 -13.78 -15.46 27.56
CA ASP B 234 -14.09 -16.78 27.02
C ASP B 234 -15.37 -16.81 26.19
N ILE B 235 -15.81 -15.66 25.69
CA ILE B 235 -16.91 -15.62 24.73
C ILE B 235 -16.52 -16.44 23.51
N GLN B 236 -17.49 -17.01 22.81
CA GLN B 236 -17.19 -17.93 21.71
C GLN B 236 -17.51 -17.38 20.33
N HIS B 237 -17.65 -16.05 20.24
CA HIS B 237 -17.87 -15.37 18.97
C HIS B 237 -17.28 -13.96 19.06
N PRO B 238 -17.03 -13.30 17.90
CA PRO B 238 -16.47 -11.95 17.86
C PRO B 238 -17.34 -10.86 18.48
N ILE B 239 -16.74 -10.00 19.31
CA ILE B 239 -17.49 -8.94 19.96
C ILE B 239 -16.68 -7.65 20.08
N VAL B 240 -17.39 -6.53 19.94
CA VAL B 240 -16.82 -5.22 20.18
C VAL B 240 -17.21 -4.74 21.57
N VAL B 241 -16.22 -4.30 22.34
CA VAL B 241 -16.44 -3.63 23.62
C VAL B 241 -16.05 -2.17 23.44
N HIS B 242 -17.06 -1.31 23.30
CA HIS B 242 -16.86 0.09 23.01
C HIS B 242 -16.83 0.92 24.32
N ILE B 243 -15.68 1.53 24.62
CA ILE B 243 -15.52 2.24 25.90
C ILE B 243 -15.20 3.72 25.67
N ASN B 244 -15.66 4.56 26.60
CA ASN B 244 -15.50 6.00 26.47
C ASN B 244 -14.52 6.47 27.53
N THR B 245 -13.31 6.80 27.08
CA THR B 245 -12.25 7.25 27.97
C THR B 245 -11.97 8.73 27.77
N LEU B 246 -11.44 9.37 28.81
CA LEU B 246 -11.08 10.78 28.74
C LEU B 246 -9.57 10.91 28.53
N LYS B 247 -9.20 11.39 27.34
CA LYS B 247 -7.79 11.51 26.97
C LYS B 247 -7.06 12.41 27.97
N GLY B 248 -6.07 11.83 28.63
CA GLY B 248 -5.25 12.57 29.58
C GLY B 248 -5.86 12.66 30.96
N LYS B 249 -6.83 11.79 31.23
CA LYS B 249 -7.49 11.75 32.53
C LYS B 249 -6.47 11.79 33.66
N GLY B 250 -6.71 12.71 34.61
CA GLY B 250 -5.88 12.84 35.80
C GLY B 250 -4.92 14.02 35.79
N TYR B 251 -4.84 14.73 34.67
CA TYR B 251 -3.91 15.85 34.58
C TYR B 251 -4.54 17.05 33.86
N GLU B 252 -5.04 18.00 34.64
CA GLU B 252 -5.82 19.15 34.17
C GLU B 252 -5.43 19.76 32.81
N ARG B 253 -4.17 20.14 32.67
CA ARG B 253 -3.70 20.76 31.43
C ARG B 253 -3.87 19.87 30.19
N ALA B 254 -3.69 18.57 30.37
CA ALA B 254 -3.87 17.62 29.28
C ALA B 254 -5.36 17.48 28.97
N GLU B 255 -6.19 17.40 29.99
CA GLU B 255 -7.64 17.31 29.76
C GLU B 255 -8.17 18.53 28.98
N GLN B 256 -7.61 19.73 29.20
CA GLN B 256 -8.07 20.91 28.49
C GLN B 256 -7.44 21.08 27.11
N ASP B 257 -6.33 20.39 26.85
CA ASP B 257 -5.70 20.54 25.53
C ASP B 257 -5.25 19.11 25.23
N LYS B 258 -6.02 18.44 24.38
CA LYS B 258 -5.81 17.02 24.10
C LYS B 258 -4.86 16.94 22.91
N GLU B 259 -4.99 17.86 21.97
CA GLU B 259 -4.12 17.84 20.79
C GLU B 259 -2.64 18.08 21.16
N THR B 260 -2.38 19.06 22.03
CA THR B 260 -1.03 19.35 22.47
C THR B 260 -0.39 18.18 23.23
N TYR B 261 -1.17 17.49 24.05
CA TYR B 261 -0.63 16.49 24.97
C TYR B 261 -0.68 15.07 24.45
N HIS B 262 -1.09 14.91 23.20
CA HIS B 262 -0.95 13.61 22.58
C HIS B 262 0.53 13.19 22.65
N TRP B 263 1.43 14.15 22.47
CA TRP B 263 2.88 13.90 22.60
C TRP B 263 3.65 15.10 23.09
N ARG B 264 4.44 14.90 24.14
CA ARG B 264 5.21 15.98 24.73
C ARG B 264 6.72 15.70 24.73
N THR B 265 7.50 16.75 24.48
CA THR B 265 8.92 16.76 24.80
C THR B 265 8.96 16.95 26.31
N PRO B 266 10.13 16.75 26.95
CA PRO B 266 10.14 16.96 28.41
C PRO B 266 9.68 18.36 28.83
N PHE B 267 8.95 18.42 29.93
CA PHE B 267 8.33 19.68 30.31
C PHE B 267 8.27 19.88 31.83
N ASN B 268 7.82 21.05 32.26
CA ASN B 268 7.65 21.34 33.69
C ASN B 268 6.29 20.81 34.15
N PRO B 269 6.30 19.82 35.07
CA PRO B 269 5.07 19.18 35.57
C PRO B 269 4.03 20.19 36.08
N GLU B 270 4.51 21.33 36.59
CA GLU B 270 3.64 22.33 37.20
C GLU B 270 3.12 23.40 36.23
N THR B 271 3.93 23.80 35.26
CA THR B 271 3.48 24.83 34.31
C THR B 271 3.02 24.27 32.97
N GLY B 272 3.43 23.04 32.66
CA GLY B 272 3.19 22.46 31.36
C GLY B 272 4.15 22.96 30.29
N GLU B 273 4.99 23.92 30.65
CA GLU B 273 5.92 24.50 29.68
C GLU B 273 7.05 23.52 29.38
N ALA B 274 7.49 23.47 28.12
CA ALA B 274 8.65 22.67 27.72
C ALA B 274 9.88 23.10 28.52
N LYS B 275 10.82 22.18 28.73
CA LYS B 275 12.04 22.52 29.43
C LYS B 275 12.96 23.34 28.50
N VAL B 276 12.97 23.03 27.21
CA VAL B 276 13.60 23.92 26.24
C VAL B 276 12.49 24.54 25.39
N SER B 277 12.19 25.80 25.68
CA SER B 277 10.97 26.44 25.17
C SER B 277 11.20 27.30 23.93
N TYR B 278 12.46 27.58 23.60
CA TYR B 278 12.69 28.35 22.39
C TYR B 278 12.37 27.50 21.18
N GLU B 279 11.64 28.08 20.24
CA GLU B 279 11.25 27.34 19.06
C GLU B 279 11.63 28.12 17.84
N GLU B 280 12.21 27.48 16.88
CA GLU B 280 12.50 28.26 15.73
C GLU B 280 11.92 27.58 14.52
N GLU B 281 11.72 28.35 13.49
CA GLU B 281 11.14 27.86 12.28
C GLU B 281 11.79 26.69 11.52
N ASP B 282 11.02 25.66 11.36
CA ASP B 282 11.39 24.50 10.53
C ASP B 282 10.61 24.46 9.21
N TYR B 283 10.91 23.49 8.36
CA TYR B 283 10.26 23.44 7.04
C TYR B 283 8.75 23.18 7.11
N SER B 284 8.30 22.54 8.18
CA SER B 284 6.87 22.41 8.43
C SER B 284 6.25 23.77 8.63
N GLU B 285 6.93 24.67 9.34
CA GLU B 285 6.41 26.03 9.59
C GLU B 285 6.44 26.84 8.30
N VAL B 286 7.58 26.82 7.61
CA VAL B 286 7.74 27.40 6.28
C VAL B 286 6.59 26.98 5.37
N THR B 287 6.34 25.68 5.31
CA THR B 287 5.31 25.16 4.42
C THR B 287 3.94 25.72 4.75
N ALA B 288 3.62 25.78 6.03
CA ALA B 288 2.35 26.34 6.46
C ALA B 288 2.17 27.77 5.93
N GLN B 289 3.25 28.57 5.98
CA GLN B 289 3.22 29.97 5.55
C GLN B 289 2.96 30.07 4.08
N TYR B 290 3.65 29.24 3.30
CA TYR B 290 3.48 29.28 1.87
C TYR B 290 2.04 28.92 1.48
N LEU B 291 1.51 27.84 2.06
CA LEU B 291 0.20 27.32 1.66
C LEU B 291 -0.94 28.23 2.12
N LEU B 292 -0.80 28.87 3.28
CA LEU B 292 -1.82 29.85 3.69
C LEU B 292 -1.86 31.06 2.75
N LYS B 293 -0.70 31.54 2.30
CA LYS B 293 -0.67 32.61 1.30
C LYS B 293 -1.34 32.16 -0.01
N LYS B 294 -0.75 31.16 -0.66
CA LYS B 294 -1.26 30.66 -1.97
C LYS B 294 -2.76 30.33 -1.89
N MET B 295 -3.21 29.71 -0.80
CA MET B 295 -4.59 29.25 -0.75
C MET B 295 -5.51 30.46 -0.76
N LYS B 296 -5.06 31.57 -0.15
CA LYS B 296 -5.77 32.85 -0.19
C LYS B 296 -5.74 33.51 -1.57
N GLU B 297 -4.60 33.42 -2.26
CA GLU B 297 -4.47 34.06 -3.57
C GLU B 297 -5.11 33.19 -4.66
N ASP B 298 -5.25 31.89 -4.42
CA ASP B 298 -5.69 30.94 -5.46
C ASP B 298 -6.70 29.93 -4.92
N SER B 299 -7.96 30.14 -5.22
CA SER B 299 -9.05 29.39 -4.61
C SER B 299 -9.10 27.91 -5.02
N ARG B 300 -8.25 27.52 -5.97
CA ARG B 300 -8.21 26.15 -6.45
C ARG B 300 -7.19 25.30 -5.69
N VAL B 301 -6.50 25.91 -4.73
CA VAL B 301 -5.51 25.20 -3.95
C VAL B 301 -6.19 24.65 -2.71
N VAL B 302 -5.91 23.39 -2.42
CA VAL B 302 -6.44 22.70 -1.25
C VAL B 302 -5.32 21.84 -0.69
N THR B 303 -5.15 21.96 0.62
CA THR B 303 -4.16 21.19 1.34
C THR B 303 -4.82 19.95 1.95
N ILE B 304 -4.16 18.80 1.82
CA ILE B 304 -4.67 17.54 2.37
C ILE B 304 -3.68 16.98 3.40
N THR B 305 -4.23 16.53 4.54
CA THR B 305 -3.50 15.70 5.51
C THR B 305 -4.25 14.40 5.79
N SER B 306 -3.51 13.40 6.26
CA SER B 306 -4.09 12.11 6.60
C SER B 306 -4.09 11.94 8.13
N GLY B 307 -4.66 12.92 8.83
CA GLY B 307 -4.70 12.89 10.28
C GLY B 307 -3.48 13.42 11.00
N THR B 308 -2.53 14.01 10.27
CA THR B 308 -1.31 14.54 10.90
C THR B 308 -1.02 15.99 10.46
N PRO B 309 -2.01 16.90 10.67
CA PRO B 309 -1.89 18.27 10.17
C PRO B 309 -0.61 19.01 10.60
N ALA B 310 -0.05 18.70 11.76
CA ALA B 310 1.18 19.37 12.25
C ALA B 310 2.35 19.22 11.29
N VAL B 311 2.32 18.18 10.47
CA VAL B 311 3.40 17.92 9.55
C VAL B 311 3.40 19.04 8.51
N LEU B 312 2.26 19.71 8.39
CA LEU B 312 2.14 20.83 7.45
C LEU B 312 2.13 22.19 8.19
N GLY B 313 2.45 22.16 9.50
CA GLY B 313 2.45 23.36 10.30
C GLY B 313 1.04 23.86 10.56
N PHE B 314 0.05 22.97 10.47
CA PHE B 314 -1.33 23.43 10.53
C PHE B 314 -1.96 23.23 11.91
N THR B 315 -1.65 24.20 12.76
CA THR B 315 -2.23 24.38 14.08
C THR B 315 -3.76 24.46 13.96
N PRO B 316 -4.48 24.26 15.07
CA PRO B 316 -5.94 24.37 14.98
C PRO B 316 -6.42 25.73 14.46
N ASP B 317 -5.72 26.81 14.80
CA ASP B 317 -6.09 28.12 14.27
C ASP B 317 -5.95 28.13 12.75
N ARG B 318 -4.77 27.78 12.26
CA ARG B 318 -4.53 27.82 10.83
C ARG B 318 -5.52 26.96 10.02
N ARG B 319 -5.99 25.85 10.60
CA ARG B 319 -7.01 25.05 9.97
C ARG B 319 -8.31 25.83 9.87
N LYS B 320 -8.59 26.61 10.92
CA LYS B 320 -9.80 27.41 11.03
C LYS B 320 -9.80 28.43 9.89
N GLU B 321 -8.65 29.09 9.74
CA GLU B 321 -8.42 30.09 8.72
C GLU B 321 -8.65 29.54 7.31
N ALA B 322 -8.05 28.40 7.02
CA ALA B 322 -8.11 27.80 5.67
C ALA B 322 -9.49 27.27 5.33
N GLY B 323 -10.28 26.93 6.35
CA GLY B 323 -11.65 26.48 6.14
C GLY B 323 -11.83 25.28 5.21
N LYS B 324 -12.55 25.48 4.11
CA LYS B 324 -12.84 24.39 3.17
C LYS B 324 -11.62 24.04 2.31
N GLN B 325 -10.60 24.86 2.38
CA GLN B 325 -9.40 24.65 1.58
C GLN B 325 -8.35 23.82 2.32
N PHE B 326 -8.64 23.40 3.56
CA PHE B 326 -7.75 22.46 4.25
C PHE B 326 -8.57 21.21 4.57
N VAL B 327 -8.09 20.06 4.13
CA VAL B 327 -8.86 18.83 4.26
C VAL B 327 -8.11 17.76 5.07
N ASP B 328 -8.81 17.19 6.04
CA ASP B 328 -8.28 16.10 6.84
C ASP B 328 -9.15 14.87 6.55
N VAL B 329 -8.56 13.82 5.95
CA VAL B 329 -9.37 12.67 5.52
C VAL B 329 -9.36 11.53 6.53
N GLY B 330 -8.84 11.77 7.73
CA GLY B 330 -8.66 10.69 8.69
C GLY B 330 -7.33 10.00 8.45
N ILE B 331 -7.13 8.82 9.05
CA ILE B 331 -5.87 8.12 8.86
C ILE B 331 -5.98 7.21 7.64
N ALA B 332 -6.29 7.83 6.50
CA ALA B 332 -6.49 7.13 5.24
C ALA B 332 -5.57 7.63 4.14
N GLU B 333 -4.31 7.26 4.25
CA GLU B 333 -3.26 7.61 3.30
C GLU B 333 -3.61 7.18 1.88
N GLU B 334 -4.19 5.98 1.76
CA GLU B 334 -4.58 5.45 0.47
C GLU B 334 -5.60 6.36 -0.20
N HIS B 335 -6.64 6.72 0.55
CA HIS B 335 -7.70 7.54 0.00
C HIS B 335 -7.18 8.95 -0.34
N ALA B 336 -6.31 9.48 0.53
CA ALA B 336 -5.70 10.80 0.32
C ALA B 336 -5.10 10.91 -1.06
N VAL B 337 -4.49 9.83 -1.54
CA VAL B 337 -3.88 9.94 -2.86
C VAL B 337 -4.95 10.00 -3.93
N ALA B 338 -5.93 9.09 -3.85
CA ALA B 338 -6.97 9.04 -4.89
C ALA B 338 -7.83 10.35 -4.90
N LEU B 339 -8.11 10.89 -3.73
CA LEU B 339 -8.80 12.16 -3.63
C LEU B 339 -8.00 13.23 -4.38
N ALA B 340 -6.72 13.32 -4.05
CA ALA B 340 -5.83 14.29 -4.68
C ALA B 340 -5.88 14.15 -6.22
N SER B 341 -5.91 12.90 -6.69
CA SER B 341 -5.92 12.64 -8.13
C SER B 341 -7.27 13.09 -8.76
N GLY B 342 -8.37 12.83 -8.07
CA GLY B 342 -9.68 13.24 -8.57
C GLY B 342 -9.88 14.74 -8.56
N ILE B 343 -9.35 15.37 -7.52
CA ILE B 343 -9.33 16.82 -7.44
C ILE B 343 -8.58 17.39 -8.64
N ALA B 344 -7.37 16.94 -8.88
CA ALA B 344 -6.59 17.50 -9.97
C ALA B 344 -7.25 17.20 -11.31
N ALA B 345 -8.09 16.16 -11.39
CA ALA B 345 -8.83 15.88 -12.64
C ALA B 345 -10.03 16.81 -12.85
N ASN B 346 -10.49 17.48 -11.80
CA ASN B 346 -11.66 18.34 -11.97
C ASN B 346 -11.33 19.79 -11.61
N GLY B 347 -10.16 20.26 -12.04
CA GLY B 347 -9.85 21.68 -11.97
C GLY B 347 -9.31 22.19 -10.65
N GLY B 348 -9.07 21.29 -9.70
CA GLY B 348 -8.53 21.66 -8.40
C GLY B 348 -7.02 21.62 -8.41
N LYS B 349 -6.40 22.20 -7.39
CA LYS B 349 -4.97 22.08 -7.21
C LYS B 349 -4.65 21.54 -5.80
N PRO B 350 -4.57 20.19 -5.65
CA PRO B 350 -4.36 19.59 -4.33
C PRO B 350 -2.89 19.50 -3.93
N VAL B 351 -2.62 19.72 -2.65
CA VAL B 351 -1.28 19.55 -2.12
C VAL B 351 -1.39 18.64 -0.90
N TYR B 352 -0.96 17.38 -1.05
CA TYR B 352 -1.05 16.36 0.03
C TYR B 352 0.28 16.27 0.75
N GLY B 353 0.28 16.54 2.06
CA GLY B 353 1.47 16.46 2.87
C GLY B 353 1.42 15.24 3.78
N VAL B 354 2.54 14.54 3.86
CA VAL B 354 2.59 13.23 4.52
C VAL B 354 4.01 12.95 5.04
N TYR B 355 4.12 12.13 6.10
CA TYR B 355 5.44 11.65 6.54
C TYR B 355 5.91 10.55 5.58
N SER B 356 7.21 10.51 5.34
CA SER B 356 7.83 9.45 4.59
C SER B 356 7.39 8.05 5.06
N THR B 357 7.49 7.77 6.37
CA THR B 357 7.20 6.44 6.88
C THR B 357 5.72 6.06 6.62
N PHE B 358 4.80 7.04 6.62
CA PHE B 358 3.37 6.73 6.43
C PHE B 358 2.95 6.64 4.97
N ILE B 359 3.63 7.34 4.07
CA ILE B 359 3.25 7.30 2.65
C ILE B 359 3.48 5.87 2.07
N GLN B 360 4.20 5.04 2.83
CA GLN B 360 4.42 3.64 2.50
C GLN B 360 3.10 2.87 2.29
N ARG B 361 1.99 3.40 2.80
CA ARG B 361 0.68 2.75 2.67
C ARG B 361 0.09 2.83 1.26
N SER B 362 0.60 3.73 0.43
CA SER B 362 -0.14 4.10 -0.78
C SER B 362 0.55 3.80 -2.07
N TYR B 363 1.29 2.69 -2.13
CA TYR B 363 2.03 2.46 -3.36
C TYR B 363 1.06 2.28 -4.54
N ASP B 364 0.06 1.42 -4.39
CA ASP B 364 -0.84 1.13 -5.51
C ASP B 364 -1.66 2.36 -5.89
N GLN B 365 -1.95 3.21 -4.91
CA GLN B 365 -2.75 4.38 -5.20
C GLN B 365 -1.89 5.41 -5.94
N LEU B 366 -0.65 5.57 -5.50
CA LEU B 366 0.31 6.40 -6.24
C LEU B 366 0.43 5.90 -7.68
N SER B 367 0.57 4.58 -7.82
CA SER B 367 0.83 4.01 -9.13
C SER B 367 -0.39 4.12 -10.05
N GLN B 368 -1.56 3.70 -9.55
CA GLN B 368 -2.76 3.54 -10.36
C GLN B 368 -3.78 4.66 -10.39
N ASP B 369 -4.13 5.13 -9.20
CA ASP B 369 -5.01 6.28 -9.05
C ASP B 369 -4.39 7.56 -9.58
N LEU B 370 -3.11 7.73 -9.29
CA LEU B 370 -2.40 8.96 -9.60
C LEU B 370 -1.58 8.85 -10.87
N CYS B 371 -0.60 7.97 -10.90
CA CYS B 371 0.37 8.03 -12.00
C CYS B 371 -0.10 7.45 -13.35
N ILE B 372 -0.88 6.37 -13.34
CA ILE B 372 -1.45 5.87 -14.60
C ILE B 372 -2.24 6.98 -15.33
N ASN B 373 -2.96 7.80 -14.59
CA ASN B 373 -3.71 8.88 -15.22
C ASN B 373 -2.87 10.15 -15.42
N ASN B 374 -1.66 10.17 -14.86
CA ASN B 374 -0.74 11.30 -15.00
C ASN B 374 -1.30 12.61 -14.46
N ASN B 375 -2.20 12.54 -13.47
CA ASN B 375 -2.79 13.76 -12.93
C ASN B 375 -1.81 14.58 -12.08
N PRO B 376 -1.83 15.92 -12.25
CA PRO B 376 -0.92 16.84 -11.59
C PRO B 376 -1.27 17.15 -10.15
N ALA B 377 -1.36 16.12 -9.32
CA ALA B 377 -1.49 16.36 -7.89
C ALA B 377 -0.09 16.60 -7.32
N VAL B 378 -0.02 17.35 -6.23
CA VAL B 378 1.27 17.60 -5.60
C VAL B 378 1.37 16.84 -4.28
N LEU B 379 2.50 16.16 -4.11
CA LEU B 379 2.77 15.39 -2.91
C LEU B 379 3.95 15.98 -2.16
N LEU B 380 3.77 16.29 -0.88
CA LEU B 380 4.87 16.76 -0.07
C LEU B 380 5.27 15.68 0.94
N VAL B 381 6.50 15.20 0.84
CA VAL B 381 6.94 14.07 1.67
C VAL B 381 7.95 14.53 2.71
N PHE B 382 7.56 14.47 3.97
CA PHE B 382 8.36 15.07 5.03
C PHE B 382 9.25 14.04 5.75
N TRP B 383 10.34 14.55 6.33
CA TRP B 383 11.15 13.84 7.32
C TRP B 383 11.95 12.66 6.76
N GLY B 384 12.21 12.70 5.45
CA GLY B 384 12.96 11.66 4.79
C GLY B 384 14.43 11.80 5.11
N THR B 385 14.92 10.92 5.97
CA THR B 385 16.28 11.04 6.44
C THR B 385 16.72 9.81 7.24
N LEU B 386 18.02 9.67 7.39
CA LEU B 386 18.60 8.64 8.25
C LEU B 386 18.89 9.18 9.65
N SER B 387 18.65 10.47 9.86
CA SER B 387 18.97 11.15 11.13
C SER B 387 17.77 11.84 11.75
N GLY B 388 16.66 11.13 11.90
CA GLY B 388 15.48 11.74 12.49
C GLY B 388 14.82 10.80 13.44
N MET B 389 13.55 10.52 13.20
CA MET B 389 12.86 9.51 14.00
C MET B 389 13.62 8.20 13.88
N ASN B 390 13.95 7.59 15.03
CA ASN B 390 14.85 6.43 14.99
C ASN B 390 14.35 5.16 15.65
N ASP B 391 13.06 5.07 15.95
CA ASP B 391 12.51 3.76 16.34
C ASP B 391 12.10 3.00 15.06
N VAL B 392 12.14 1.67 15.11
CA VAL B 392 12.08 0.86 13.89
C VAL B 392 10.82 1.09 13.02
N THR B 393 9.65 1.29 13.67
CA THR B 393 8.39 1.40 12.95
C THR B 393 8.22 2.77 12.30
N HIS B 394 9.01 3.75 12.72
CA HIS B 394 8.87 5.08 12.14
C HIS B 394 10.08 5.55 11.32
N LEU B 395 10.85 4.59 10.80
CA LEU B 395 12.05 4.84 9.99
C LEU B 395 11.70 5.42 8.61
N CYS B 396 12.10 6.65 8.37
CA CYS B 396 11.78 7.29 7.10
C CYS B 396 12.85 7.00 6.04
N PHE B 397 13.16 5.73 5.82
CA PHE B 397 14.32 5.36 4.99
C PHE B 397 13.96 5.06 3.54
N PHE B 398 12.67 4.85 3.27
CA PHE B 398 12.27 4.11 2.08
C PHE B 398 11.44 4.89 1.05
N ASP B 399 11.26 6.19 1.23
CA ASP B 399 10.36 6.92 0.32
C ASP B 399 10.91 7.01 -1.12
N ILE B 400 12.22 7.11 -1.25
CA ILE B 400 12.85 7.09 -2.55
C ILE B 400 12.62 5.75 -3.24
N PRO B 401 12.93 4.60 -2.60
CA PRO B 401 12.63 3.37 -3.36
C PRO B 401 11.13 3.10 -3.56
N LEU B 402 10.32 3.57 -2.63
CA LEU B 402 8.89 3.40 -2.75
C LEU B 402 8.30 4.16 -3.96
N ILE B 403 8.74 5.41 -4.14
CA ILE B 403 8.10 6.36 -5.06
C ILE B 403 8.83 6.57 -6.41
N SER B 404 10.17 6.51 -6.40
CA SER B 404 10.90 7.04 -7.54
C SER B 404 10.92 6.08 -8.71
N ASN B 405 10.42 4.86 -8.49
CA ASN B 405 10.44 3.85 -9.54
C ASN B 405 9.05 3.64 -10.12
N ILE B 406 8.12 4.50 -9.74
CA ILE B 406 6.81 4.49 -10.36
C ILE B 406 6.90 5.30 -11.62
N PRO B 407 6.45 4.73 -12.76
CA PRO B 407 6.44 5.45 -14.05
C PRO B 407 5.57 6.71 -14.00
N ASN B 408 5.99 7.75 -14.74
CA ASN B 408 5.30 9.05 -14.85
C ASN B 408 5.54 9.98 -13.65
N MET B 409 5.92 9.43 -12.48
CA MET B 409 6.18 10.25 -11.29
C MET B 409 7.35 11.22 -11.48
N VAL B 410 7.13 12.48 -11.10
CA VAL B 410 8.24 13.42 -10.98
C VAL B 410 8.50 13.62 -9.47
N TYR B 411 9.66 13.18 -9.00
CA TYR B 411 10.00 13.31 -7.57
C TYR B 411 11.23 14.19 -7.40
N LEU B 412 11.05 15.34 -6.75
CA LEU B 412 12.12 16.35 -6.62
C LEU B 412 12.78 16.41 -5.23
N ALA B 413 14.08 16.69 -5.24
CA ALA B 413 14.86 16.80 -4.02
C ALA B 413 15.51 18.18 -3.85
N PRO B 414 14.78 19.12 -3.23
CA PRO B 414 15.35 20.45 -2.92
C PRO B 414 16.48 20.37 -1.89
N THR B 415 17.41 21.31 -1.94
CA THR B 415 18.56 21.30 -1.05
C THR B 415 18.47 22.48 -0.11
N CYS B 416 17.77 23.54 -0.52
CA CYS B 416 17.63 24.72 0.35
C CYS B 416 16.26 25.38 0.17
N LYS B 417 15.99 26.36 1.03
CA LYS B 417 14.63 26.88 1.23
C LYS B 417 14.01 27.57 0.02
N GLU B 418 14.75 28.47 -0.63
CA GLU B 418 14.17 29.20 -1.76
C GLU B 418 13.96 28.23 -2.91
N GLU B 419 14.87 27.28 -3.04
CA GLU B 419 14.72 26.24 -4.04
C GLU B 419 13.47 25.38 -3.77
N TYR B 420 13.25 25.00 -2.52
CA TYR B 420 12.06 24.24 -2.13
C TYR B 420 10.78 24.95 -2.57
N LEU B 421 10.66 26.23 -2.22
CA LEU B 421 9.41 26.97 -2.48
C LEU B 421 9.22 27.22 -3.96
N ALA B 422 10.34 27.34 -4.68
CA ALA B 422 10.32 27.55 -6.11
C ALA B 422 9.85 26.28 -6.79
N MET B 423 10.28 25.15 -6.23
CA MET B 423 9.87 23.86 -6.74
C MET B 423 8.37 23.63 -6.48
N LEU B 424 7.88 24.03 -5.31
CA LEU B 424 6.48 23.87 -4.96
C LEU B 424 5.58 24.82 -5.75
N GLU B 425 6.08 26.02 -6.01
CA GLU B 425 5.33 26.98 -6.80
C GLU B 425 5.10 26.43 -8.22
N TRP B 426 6.16 25.90 -8.81
CA TRP B 426 6.10 25.35 -10.15
C TRP B 426 5.16 24.15 -10.25
N SER B 427 5.26 23.27 -9.26
CA SER B 427 4.37 22.11 -9.08
C SER B 427 2.90 22.49 -9.15
N ILE B 428 2.55 23.54 -8.42
CA ILE B 428 1.17 23.99 -8.40
C ILE B 428 0.80 24.56 -9.77
N ARG B 429 1.77 25.16 -10.47
CA ARG B 429 1.44 25.87 -11.71
C ARG B 429 1.37 24.92 -12.91
N GLN B 430 2.23 23.89 -12.94
CA GLN B 430 2.25 23.01 -14.09
C GLN B 430 0.98 22.17 -14.12
N ASN B 431 0.70 21.56 -15.26
CA ASN B 431 -0.49 20.70 -15.40
C ASN B 431 -0.16 19.37 -16.10
N GLU B 432 1.13 19.03 -16.13
CA GLU B 432 1.67 17.99 -17.00
C GLU B 432 2.16 16.74 -16.27
N HIS B 433 2.42 16.85 -14.97
CA HIS B 433 2.95 15.73 -14.20
C HIS B 433 2.39 15.65 -12.80
N PRO B 434 2.22 14.43 -12.26
CA PRO B 434 2.18 14.27 -10.79
C PRO B 434 3.55 14.58 -10.21
N VAL B 435 3.58 15.43 -9.20
CA VAL B 435 4.85 15.82 -8.60
C VAL B 435 4.92 15.54 -7.10
N ALA B 436 5.98 14.85 -6.70
CA ALA B 436 6.27 14.72 -5.28
C ALA B 436 7.54 15.52 -4.97
N ILE B 437 7.57 16.11 -3.78
CA ILE B 437 8.70 16.90 -3.34
C ILE B 437 9.22 16.39 -2.00
N ARG B 438 10.48 15.97 -1.96
CA ARG B 438 11.09 15.51 -0.72
C ARG B 438 11.61 16.69 0.09
N VAL B 439 10.75 17.21 0.98
CA VAL B 439 11.10 18.31 1.87
C VAL B 439 12.41 17.97 2.58
N PRO B 440 13.38 18.89 2.55
CA PRO B 440 14.69 18.61 3.15
C PRO B 440 14.60 18.38 4.65
N ALA B 441 15.17 17.29 5.14
CA ALA B 441 15.20 17.03 6.57
C ALA B 441 16.46 17.68 7.19
N THR B 442 16.58 18.98 7.06
CA THR B 442 17.70 19.74 7.60
C THR B 442 17.12 20.96 8.26
N ASP B 443 17.95 21.80 8.88
CA ASP B 443 17.46 23.11 9.29
C ASP B 443 17.05 23.88 8.05
N VAL B 444 16.28 24.95 8.23
CA VAL B 444 15.87 25.75 7.09
C VAL B 444 17.11 26.52 6.65
N ILE B 445 17.64 26.17 5.48
CA ILE B 445 18.84 26.80 4.96
C ILE B 445 18.52 27.77 3.79
N THR B 446 18.96 29.01 3.91
CA THR B 446 18.77 30.01 2.87
C THR B 446 19.73 29.77 1.68
N CYS B 447 19.22 29.84 0.45
CA CYS B 447 20.00 29.47 -0.73
C CYS B 447 21.10 30.50 -1.07
N GLY B 448 20.78 31.79 -0.93
CA GLY B 448 21.77 32.83 -1.20
C GLY B 448 22.18 33.12 -2.65
N GLU B 449 21.81 32.23 -3.57
CA GLU B 449 21.96 32.48 -5.00
C GLU B 449 20.59 32.21 -5.61
N PRO B 450 20.19 33.04 -6.60
CA PRO B 450 18.85 32.88 -7.22
C PRO B 450 18.67 31.47 -7.83
N VAL B 451 17.46 30.95 -7.74
CA VAL B 451 17.20 29.55 -8.11
C VAL B 451 16.27 29.46 -9.31
N GLU B 452 16.41 28.40 -10.10
CA GLU B 452 15.53 28.14 -11.23
C GLU B 452 14.08 28.09 -10.76
N THR B 453 13.16 28.67 -11.54
CA THR B 453 11.74 28.70 -11.18
C THR B 453 10.91 27.78 -12.08
N ASP B 454 11.54 27.24 -13.12
CA ASP B 454 10.82 26.37 -14.06
C ASP B 454 11.50 25.01 -14.08
N TYR B 455 10.77 23.97 -13.69
CA TYR B 455 11.41 22.67 -13.62
C TYR B 455 10.87 21.72 -14.69
N SER B 456 10.26 22.29 -15.73
CA SER B 456 9.51 21.51 -16.74
C SER B 456 10.37 20.63 -17.64
N VAL B 457 11.61 21.04 -17.90
CA VAL B 457 12.54 20.16 -18.61
C VAL B 457 13.12 19.20 -17.58
N LEU B 458 12.68 17.94 -17.64
CA LEU B 458 13.02 16.97 -16.62
C LEU B 458 14.47 16.46 -16.67
N ASN B 459 14.95 16.03 -15.52
CA ASN B 459 16.21 15.31 -15.37
C ASN B 459 17.41 16.14 -15.78
N ARG B 460 17.36 17.43 -15.45
CA ARG B 460 18.53 18.31 -15.50
C ARG B 460 19.22 18.44 -14.14
N TYR B 461 20.40 17.83 -14.02
CA TYR B 461 21.20 17.99 -12.82
C TYR B 461 21.95 19.33 -12.89
N LYS B 462 22.04 20.01 -11.74
CA LYS B 462 22.69 21.35 -11.70
C LYS B 462 24.13 21.26 -11.20
N VAL B 463 25.11 21.44 -12.09
CA VAL B 463 26.51 21.49 -11.68
C VAL B 463 26.70 22.75 -10.84
N THR B 464 27.21 22.62 -9.62
CA THR B 464 27.40 23.79 -8.77
C THR B 464 28.87 24.10 -8.54
N HIS B 465 29.75 23.19 -8.95
CA HIS B 465 31.19 23.46 -8.97
C HIS B 465 31.90 22.56 -9.99
N ARG B 466 32.58 23.18 -10.94
CA ARG B 466 33.32 22.43 -11.94
C ARG B 466 34.68 21.98 -11.38
N GLY B 467 35.00 20.71 -11.56
CA GLY B 467 36.23 20.14 -11.05
C GLY B 467 36.73 19.04 -11.97
N ALA B 468 37.41 18.05 -11.41
CA ALA B 468 37.93 16.97 -12.24
C ALA B 468 38.23 15.73 -11.40
N LYS B 469 38.48 14.62 -12.09
CA LYS B 469 38.86 13.32 -11.50
C LYS B 469 37.69 12.65 -10.77
N VAL B 470 37.06 13.35 -9.83
CA VAL B 470 35.96 12.77 -9.08
C VAL B 470 34.78 13.73 -9.09
N ALA B 471 33.58 13.18 -9.31
CA ALA B 471 32.37 14.00 -9.25
C ALA B 471 31.44 13.55 -8.15
N ILE B 472 30.85 14.52 -7.44
CA ILE B 472 29.97 14.21 -6.33
C ILE B 472 28.53 14.62 -6.62
N LEU B 473 27.65 13.63 -6.67
CA LEU B 473 26.20 13.86 -6.81
C LEU B 473 25.58 13.79 -5.42
N ALA B 474 25.33 14.95 -4.84
CA ALA B 474 24.87 15.03 -3.47
C ALA B 474 23.38 15.36 -3.40
N LEU B 475 22.54 14.36 -3.25
CA LEU B 475 21.09 14.59 -3.41
C LEU B 475 20.41 15.13 -2.16
N GLY B 476 19.57 16.14 -2.36
CA GLY B 476 18.69 16.66 -1.33
C GLY B 476 19.36 17.02 -0.03
N SER B 477 18.87 16.43 1.06
CA SER B 477 19.34 16.74 2.41
C SER B 477 20.84 16.54 2.59
N PHE B 478 21.46 15.77 1.69
CA PHE B 478 22.88 15.49 1.74
C PHE B 478 23.70 16.42 0.85
N TYR B 479 23.12 17.55 0.46
CA TYR B 479 23.90 18.48 -0.33
C TYR B 479 25.06 19.00 0.51
N GLY B 480 24.77 19.43 1.75
CA GLY B 480 25.80 19.87 2.68
C GLY B 480 26.92 18.86 2.88
N LEU B 481 26.57 17.59 2.97
CA LEU B 481 27.56 16.54 3.17
C LEU B 481 28.49 16.46 1.96
N GLY B 482 27.92 16.67 0.76
CA GLY B 482 28.68 16.70 -0.47
C GLY B 482 29.59 17.91 -0.53
N GLN B 483 29.13 19.02 0.04
CA GLN B 483 29.97 20.21 0.12
C GLN B 483 31.18 19.89 1.00
N SER B 484 30.94 19.22 2.12
CA SER B 484 32.03 18.85 3.04
C SER B 484 33.00 17.80 2.48
N VAL B 485 32.50 16.83 1.72
CA VAL B 485 33.38 15.85 1.13
C VAL B 485 34.30 16.53 0.10
N ALA B 486 33.78 17.55 -0.56
CA ALA B 486 34.56 18.31 -1.53
C ALA B 486 35.71 19.03 -0.83
N SER B 487 35.38 19.74 0.25
CA SER B 487 36.40 20.42 1.07
C SER B 487 37.54 19.48 1.48
N LEU B 488 37.19 18.40 2.17
CA LEU B 488 38.19 17.50 2.70
C LEU B 488 38.97 16.74 1.62
N LEU B 489 38.31 16.48 0.48
CA LEU B 489 39.02 15.87 -0.65
C LEU B 489 40.08 16.82 -1.17
N LYS B 490 39.77 18.10 -1.06
CA LYS B 490 40.60 19.16 -1.57
C LYS B 490 41.79 19.34 -0.61
N GLU B 491 41.49 19.38 0.68
CA GLU B 491 42.46 19.53 1.77
C GLU B 491 43.33 18.30 2.05
N LYS B 492 42.84 17.11 1.73
CA LYS B 492 43.54 15.87 2.09
C LYS B 492 44.19 15.16 0.89
N ALA B 493 43.61 15.32 -0.29
CA ALA B 493 44.11 14.58 -1.44
C ALA B 493 44.40 15.52 -2.59
N ASN B 494 44.18 16.82 -2.36
CA ASN B 494 44.42 17.83 -3.38
C ASN B 494 43.73 17.48 -4.71
N ILE B 495 42.49 17.01 -4.62
CA ILE B 495 41.61 16.86 -5.78
C ILE B 495 40.53 17.92 -5.75
N ASP B 496 40.35 18.56 -6.90
CA ASP B 496 39.26 19.51 -7.09
C ASP B 496 38.09 18.76 -7.72
N ALA B 497 37.21 18.25 -6.88
CA ALA B 497 36.14 17.41 -7.37
C ALA B 497 34.99 18.28 -7.86
N THR B 498 34.32 17.82 -8.91
CA THR B 498 33.08 18.40 -9.36
C THR B 498 31.94 18.10 -8.37
N LEU B 499 31.19 19.14 -8.00
CA LEU B 499 30.05 18.98 -7.12
C LEU B 499 28.74 19.22 -7.89
N ILE B 500 27.77 18.33 -7.71
CA ILE B 500 26.52 18.40 -8.48
C ILE B 500 25.28 18.33 -7.60
N ASN B 501 24.38 19.31 -7.76
CA ASN B 501 23.03 19.20 -7.18
C ASN B 501 22.02 18.62 -8.19
N PRO B 502 21.65 17.34 -8.02
CA PRO B 502 20.88 16.60 -9.03
C PRO B 502 19.40 17.01 -9.18
N ARG B 503 18.72 17.32 -8.07
CA ARG B 503 17.32 17.82 -8.07
C ARG B 503 16.27 16.77 -8.42
N TYR B 504 16.48 16.02 -9.49
CA TYR B 504 15.50 15.05 -9.97
C TYR B 504 15.89 13.67 -9.47
N ILE B 505 15.07 13.10 -8.59
CA ILE B 505 15.33 11.77 -8.06
C ILE B 505 14.92 10.68 -9.06
N THR B 506 13.97 11.02 -9.92
CA THR B 506 13.27 10.08 -10.80
C THR B 506 13.88 9.89 -12.18
N GLY B 507 15.07 10.44 -12.41
CA GLY B 507 15.74 10.20 -13.66
C GLY B 507 17.21 10.54 -13.66
N VAL B 508 17.86 10.24 -14.77
CA VAL B 508 19.30 10.45 -14.93
C VAL B 508 19.60 11.47 -16.04
N ASP B 509 20.46 12.42 -15.71
CA ASP B 509 20.95 13.36 -16.72
C ASP B 509 21.92 12.61 -17.66
N ASN B 510 21.41 11.95 -18.68
CA ASN B 510 22.24 11.18 -19.64
C ASN B 510 23.37 12.04 -20.19
N GLU B 511 23.02 13.28 -20.54
CA GLU B 511 23.93 14.14 -21.26
C GLU B 511 25.06 14.56 -20.35
N LEU B 512 24.72 15.05 -19.15
CA LEU B 512 25.75 15.47 -18.22
C LEU B 512 26.61 14.29 -17.79
N MET B 513 26.00 13.13 -17.60
CA MET B 513 26.74 11.94 -17.18
C MET B 513 27.77 11.54 -18.24
N ASP B 514 27.40 11.74 -19.51
CA ASP B 514 28.31 11.42 -20.60
C ASP B 514 29.49 12.41 -20.64
N GLU B 515 29.22 13.70 -20.46
CA GLU B 515 30.28 14.70 -20.53
C GLU B 515 31.32 14.52 -19.42
N LEU B 516 30.92 13.94 -18.29
CA LEU B 516 31.85 13.75 -17.18
C LEU B 516 32.94 12.75 -17.50
N LYS B 517 32.68 11.87 -18.47
CA LYS B 517 33.63 10.83 -18.82
C LYS B 517 34.95 11.43 -19.31
N ALA B 518 34.89 12.67 -19.77
CA ALA B 518 36.07 13.34 -20.33
C ALA B 518 37.09 13.65 -19.24
N ASP B 519 36.65 14.35 -18.19
CA ASP B 519 37.58 14.84 -17.15
C ASP B 519 37.35 14.25 -15.75
N HIS B 520 36.83 13.02 -15.70
CA HIS B 520 36.58 12.33 -14.43
C HIS B 520 36.73 10.82 -14.59
N GLU B 521 37.15 10.16 -13.51
CA GLU B 521 37.23 8.70 -13.51
C GLU B 521 36.37 8.10 -12.40
N LEU B 522 35.93 8.94 -11.46
CA LEU B 522 35.10 8.45 -10.36
C LEU B 522 33.85 9.31 -10.13
N VAL B 523 32.69 8.66 -10.03
CA VAL B 523 31.47 9.34 -9.64
C VAL B 523 30.90 8.75 -8.37
N ILE B 524 30.56 9.59 -7.40
CA ILE B 524 29.89 9.08 -6.21
C ILE B 524 28.54 9.76 -6.00
N THR B 525 27.63 9.05 -5.33
CA THR B 525 26.29 9.54 -5.03
C THR B 525 26.07 9.52 -3.53
N LEU B 526 25.45 10.57 -2.99
CA LEU B 526 25.10 10.58 -1.58
C LEU B 526 23.58 10.73 -1.42
N GLU B 527 22.91 9.76 -0.79
CA GLU B 527 21.49 9.90 -0.51
C GLU B 527 21.12 9.55 0.93
N ASP B 528 20.15 10.32 1.46
CA ASP B 528 19.69 10.23 2.84
C ASP B 528 18.51 9.25 2.95
N GLY B 529 18.83 7.96 2.79
CA GLY B 529 17.84 6.89 2.78
C GLY B 529 18.47 5.58 2.39
N VAL B 530 17.68 4.53 2.26
CA VAL B 530 18.23 3.20 1.97
C VAL B 530 18.64 3.17 0.50
N LEU B 531 19.71 2.44 0.21
CA LEU B 531 20.29 2.39 -1.13
C LEU B 531 19.52 1.48 -2.08
N ASP B 532 19.08 0.32 -1.60
CA ASP B 532 18.41 -0.65 -2.47
C ASP B 532 17.12 -0.04 -3.03
N GLY B 533 17.07 0.13 -4.35
CA GLY B 533 15.95 0.78 -5.00
C GLY B 533 16.05 2.30 -5.01
N GLY B 534 17.16 2.84 -4.47
CA GLY B 534 17.37 4.27 -4.34
C GLY B 534 17.97 4.97 -5.53
N PHE B 535 18.34 6.24 -5.34
CA PHE B 535 18.86 7.10 -6.41
C PHE B 535 20.19 6.59 -7.00
N GLY B 536 21.11 6.25 -6.11
CA GLY B 536 22.47 5.92 -6.51
C GLY B 536 22.62 4.77 -7.48
N GLU B 537 21.75 3.78 -7.36
CA GLU B 537 21.86 2.59 -8.19
C GLU B 537 21.58 2.89 -9.67
N LYS B 538 20.78 3.92 -9.96
CA LYS B 538 20.51 4.26 -11.35
C LYS B 538 21.80 4.82 -11.98
N ILE B 539 22.61 5.50 -11.20
CA ILE B 539 23.89 5.97 -11.69
C ILE B 539 24.86 4.81 -11.94
N ALA B 540 24.86 3.84 -11.04
CA ALA B 540 25.72 2.67 -11.21
C ALA B 540 25.35 1.92 -12.49
N ARG B 541 24.07 1.70 -12.68
CA ARG B 541 23.57 0.98 -13.85
C ARG B 541 23.97 1.71 -15.13
N TYR B 542 23.86 3.04 -15.12
CA TYR B 542 24.12 3.83 -16.32
C TYR B 542 25.54 3.63 -16.82
N TYR B 543 26.48 3.52 -15.88
CA TYR B 543 27.92 3.47 -16.18
C TYR B 543 28.43 2.03 -16.27
N GLY B 544 27.51 1.08 -16.19
CA GLY B 544 27.87 -0.32 -16.10
C GLY B 544 28.74 -0.87 -17.22
N ALA B 545 28.62 -0.29 -18.41
CA ALA B 545 29.36 -0.75 -19.59
C ALA B 545 30.45 0.23 -19.98
N THR B 546 30.61 1.28 -19.19
CA THR B 546 31.63 2.30 -19.45
C THR B 546 32.83 2.04 -18.54
N ASN B 547 33.87 2.86 -18.67
CA ASN B 547 35.06 2.69 -17.84
C ASN B 547 35.03 3.59 -16.61
N MET B 548 33.87 4.23 -16.39
CA MET B 548 33.63 5.04 -15.20
C MET B 548 33.44 4.16 -13.96
N LYS B 549 34.14 4.47 -12.87
CA LYS B 549 33.91 3.75 -11.61
C LYS B 549 32.87 4.52 -10.76
N VAL B 550 32.07 3.78 -10.00
CA VAL B 550 30.98 4.41 -9.23
C VAL B 550 30.91 3.87 -7.80
N LEU B 551 30.75 4.79 -6.85
CA LEU B 551 30.40 4.41 -5.48
C LEU B 551 29.05 5.02 -5.08
N ASN B 552 28.24 4.25 -4.37
CA ASN B 552 26.94 4.73 -3.88
C ASN B 552 26.92 4.75 -2.34
N PHE B 553 26.62 5.91 -1.75
CA PHE B 553 26.61 6.06 -0.30
C PHE B 553 25.18 6.26 0.19
N GLY B 554 24.79 5.50 1.21
CA GLY B 554 23.47 5.54 1.80
C GLY B 554 23.38 4.50 2.92
N ALA B 555 22.16 4.17 3.35
CA ALA B 555 21.96 3.14 4.39
C ALA B 555 21.73 1.75 3.80
N LYS B 556 22.22 0.74 4.51
CA LYS B 556 22.00 -0.66 4.14
C LYS B 556 20.53 -1.03 4.26
N LYS B 557 20.16 -2.13 3.59
CA LYS B 557 18.81 -2.66 3.66
C LYS B 557 18.64 -3.44 4.97
N GLU B 558 18.44 -2.73 6.08
CA GLU B 558 18.41 -3.41 7.37
C GLU B 558 17.63 -2.60 8.38
N PHE B 559 16.82 -3.29 9.19
CA PHE B 559 16.07 -2.62 10.24
C PHE B 559 16.96 -2.27 11.45
N VAL B 560 16.74 -1.08 11.97
CA VAL B 560 17.44 -0.60 13.15
C VAL B 560 16.41 0.03 14.08
N ASP B 561 16.73 0.12 15.36
CA ASP B 561 15.74 0.54 16.34
C ASP B 561 16.42 1.27 17.48
N ARG B 562 15.99 2.50 17.75
CA ARG B 562 16.52 3.33 18.82
C ARG B 562 18.06 3.31 18.80
N TYR B 563 18.60 3.62 17.63
CA TYR B 563 20.03 3.54 17.42
C TYR B 563 20.68 4.90 17.74
N ASP B 564 21.98 4.86 17.99
CA ASP B 564 22.78 6.06 18.12
C ASP B 564 23.13 6.52 16.72
N ILE B 565 22.79 7.76 16.40
CA ILE B 565 22.84 8.22 15.02
C ILE B 565 24.26 8.34 14.46
N GLN B 566 25.20 8.88 15.23
CA GLN B 566 26.60 8.98 14.78
C GLN B 566 27.15 7.60 14.42
N GLU B 567 26.93 6.65 15.30
CA GLU B 567 27.27 5.24 15.06
C GLU B 567 26.79 4.75 13.69
N PHE B 568 25.49 4.94 13.45
CA PHE B 568 24.83 4.42 12.25
C PHE B 568 25.41 5.05 11.00
N LEU B 569 25.66 6.34 11.06
CA LEU B 569 26.30 7.07 9.96
C LEU B 569 27.68 6.48 9.69
N ARG B 570 28.49 6.35 10.74
CA ARG B 570 29.83 5.79 10.60
C ARG B 570 29.72 4.39 10.00
N ALA B 571 28.77 3.60 10.48
CA ALA B 571 28.62 2.23 10.01
C ALA B 571 28.32 2.16 8.51
N ASN B 572 27.74 3.21 7.97
CA ASN B 572 27.41 3.25 6.55
C ASN B 572 28.39 4.14 5.78
N HIS B 573 29.46 4.55 6.45
CA HIS B 573 30.51 5.42 5.86
C HIS B 573 29.98 6.80 5.49
N LEU B 574 28.97 7.26 6.21
CA LEU B 574 28.32 8.55 5.95
C LEU B 574 28.94 9.75 6.67
N THR B 575 30.27 9.84 6.64
CA THR B 575 30.98 10.96 7.27
C THR B 575 31.99 11.49 6.27
N ASP B 576 32.38 12.75 6.43
CA ASP B 576 33.29 13.36 5.45
C ASP B 576 34.62 12.60 5.41
N GLU B 577 35.14 12.20 6.58
CA GLU B 577 36.43 11.52 6.58
C GLU B 577 36.38 10.10 6.06
N GLN B 578 35.22 9.45 6.14
CA GLN B 578 35.11 8.08 5.61
C GLN B 578 34.92 8.08 4.09
N ILE B 579 34.15 9.04 3.59
CA ILE B 579 33.89 9.10 2.15
C ILE B 579 35.22 9.41 1.43
N VAL B 580 35.96 10.37 1.95
CA VAL B 580 37.20 10.82 1.34
C VAL B 580 38.18 9.65 1.27
N GLU B 581 38.20 8.86 2.35
CA GLU B 581 39.06 7.69 2.44
C GLU B 581 38.71 6.64 1.39
N ASP B 582 37.43 6.43 1.16
CA ASP B 582 36.97 5.45 0.18
C ASP B 582 37.26 5.91 -1.24
N ILE B 583 37.13 7.21 -1.48
CA ILE B 583 37.51 7.80 -2.75
C ILE B 583 38.98 7.51 -3.04
N THR B 584 39.86 7.85 -2.08
CA THR B 584 41.30 7.61 -2.26
C THR B 584 41.61 6.14 -2.44
N ALA B 585 40.92 5.29 -1.67
CA ALA B 585 41.10 3.85 -1.80
C ALA B 585 40.80 3.35 -3.22
N VAL B 586 39.89 4.02 -3.93
CA VAL B 586 39.55 3.63 -5.30
C VAL B 586 40.52 4.21 -6.32
N ILE B 587 40.93 5.47 -6.12
CA ILE B 587 41.90 6.10 -7.01
C ILE B 587 43.32 5.58 -6.82
N GLY B 588 43.88 5.79 -5.63
CA GLY B 588 45.25 5.37 -5.36
C GLY B 588 46.21 6.52 -5.16
MG MG C . -20.71 -7.95 -7.26
N1' TPP D . -7.80 -6.68 -6.30
C2' TPP D . -7.60 -5.56 -7.04
CM2 TPP D . -6.87 -4.43 -6.41
N3' TPP D . -8.04 -5.39 -8.30
C4' TPP D . -8.70 -6.38 -8.88
N4' TPP D . -9.12 -6.18 -10.15
C5' TPP D . -8.98 -7.62 -8.18
C6' TPP D . -8.45 -7.68 -6.90
C7' TPP D . -9.68 -8.81 -8.78
N3 TPP D . -10.99 -8.52 -9.43
C2 TPP D . -11.12 -8.11 -10.69
S1 TPP D . -12.73 -7.92 -11.15
C5 TPP D . -13.28 -8.45 -9.59
C4 TPP D . -12.20 -8.75 -8.78
CM4 TPP D . -12.21 -9.26 -7.38
C6 TPP D . -14.75 -8.55 -9.28
C7 TPP D . -15.23 -7.48 -8.32
O7 TPP D . -16.51 -7.89 -7.78
PA TPP D . -17.81 -6.98 -7.75
O1A TPP D . -18.81 -7.39 -6.73
O2A TPP D . -17.29 -5.54 -7.62
O3A TPP D . -18.40 -7.19 -9.24
PB TPP D . -19.13 -8.31 -10.11
O1B TPP D . -18.15 -9.25 -10.72
O2B TPP D . -19.96 -7.51 -11.23
O3B TPP D . -20.11 -8.96 -9.10
MG MG E . -8.57 8.29 20.06
N1' TPP F . -0.51 6.92 9.83
C2' TPP F . 0.08 5.77 10.21
CM2 TPP F . 0.07 4.63 9.20
N3' TPP F . 0.66 5.49 11.38
C4' TPP F . 0.66 6.51 12.29
N4' TPP F . 1.27 6.22 13.47
C5' TPP F . 0.07 7.77 12.02
C6' TPP F . -0.48 7.91 10.75
C7' TPP F . 0.09 8.96 12.95
N3 TPP F . -0.32 8.66 14.32
C2 TPP F . 0.47 8.22 15.29
S1 TPP F . -0.28 8.03 16.77
C5 TPP F . -1.79 8.62 16.12
C4 TPP F . -1.63 8.94 14.80
CM4 TPP F . -2.66 9.49 13.85
C6 TPP F . -3.00 8.75 16.98
C7 TPP F . -4.06 7.70 16.72
O7 TPP F . -5.31 8.14 17.31
PA TPP F . -6.34 7.18 18.02
O1A TPP F . -6.23 5.88 17.33
O2A TPP F . -7.84 7.60 18.11
O3A TPP F . -5.75 7.20 19.54
PB TPP F . -5.54 8.22 20.74
O1B TPP F . -4.30 9.03 20.52
O2B TPP F . -5.44 7.30 22.04
O3B TPP F . -6.83 9.06 20.77
#